data_473D
# 
_entry.id   473D 
# 
_audit_conform.dict_name       mmcif_pdbx.dic 
_audit_conform.dict_version    5.383 
_audit_conform.dict_location   http://mmcif.pdb.org/dictionaries/ascii/mmcif_pdbx.dic 
# 
loop_
_database_2.database_id 
_database_2.database_code 
_database_2.pdbx_database_accession 
_database_2.pdbx_DOI 
PDB   473D         pdb_0000473d 10.2210/pdb473d/pdb 
NDB   DD0016       ?            ?                   
RCSB  RCSB001348   ?            ?                   
WWPDB D_1000001348 ?            ?                   
# 
loop_
_pdbx_audit_revision_history.ordinal 
_pdbx_audit_revision_history.data_content_type 
_pdbx_audit_revision_history.major_revision 
_pdbx_audit_revision_history.minor_revision 
_pdbx_audit_revision_history.revision_date 
1 'Structure model' 1 0 1999-12-02 
2 'Structure model' 1 1 2008-04-26 
3 'Structure model' 1 2 2011-07-13 
4 'Structure model' 1 3 2023-12-27 
# 
_pdbx_audit_revision_details.ordinal             1 
_pdbx_audit_revision_details.revision_ordinal    1 
_pdbx_audit_revision_details.data_content_type   'Structure model' 
_pdbx_audit_revision_details.provider            repository 
_pdbx_audit_revision_details.type                'Initial release' 
_pdbx_audit_revision_details.description         ? 
_pdbx_audit_revision_details.details             ? 
# 
loop_
_pdbx_audit_revision_group.ordinal 
_pdbx_audit_revision_group.revision_ordinal 
_pdbx_audit_revision_group.data_content_type 
_pdbx_audit_revision_group.group 
1 2 'Structure model' 'Version format compliance' 
2 3 'Structure model' 'Version format compliance' 
3 4 'Structure model' 'Data collection'           
4 4 'Structure model' 'Database references'       
5 4 'Structure model' 'Derived calculations'      
# 
loop_
_pdbx_audit_revision_category.ordinal 
_pdbx_audit_revision_category.revision_ordinal 
_pdbx_audit_revision_category.data_content_type 
_pdbx_audit_revision_category.category 
1 4 'Structure model' chem_comp_atom         
2 4 'Structure model' chem_comp_bond         
3 4 'Structure model' database_2             
4 4 'Structure model' diffrn_source          
5 4 'Structure model' pdbx_struct_conn_angle 
6 4 'Structure model' struct_conn            
7 4 'Structure model' struct_site            
# 
loop_
_pdbx_audit_revision_item.ordinal 
_pdbx_audit_revision_item.revision_ordinal 
_pdbx_audit_revision_item.data_content_type 
_pdbx_audit_revision_item.item 
1  4 'Structure model' '_database_2.pdbx_DOI'                        
2  4 'Structure model' '_database_2.pdbx_database_accession'         
3  4 'Structure model' '_diffrn_source.pdbx_synchrotron_site'        
4  4 'Structure model' '_pdbx_struct_conn_angle.ptnr1_auth_asym_id'  
5  4 'Structure model' '_pdbx_struct_conn_angle.ptnr1_auth_comp_id'  
6  4 'Structure model' '_pdbx_struct_conn_angle.ptnr1_auth_seq_id'   
7  4 'Structure model' '_pdbx_struct_conn_angle.ptnr1_label_asym_id' 
8  4 'Structure model' '_pdbx_struct_conn_angle.ptnr1_label_atom_id' 
9  4 'Structure model' '_pdbx_struct_conn_angle.ptnr1_label_comp_id' 
10 4 'Structure model' '_pdbx_struct_conn_angle.ptnr1_label_seq_id'  
11 4 'Structure model' '_pdbx_struct_conn_angle.ptnr1_symmetry'      
12 4 'Structure model' '_pdbx_struct_conn_angle.ptnr2_auth_asym_id'  
13 4 'Structure model' '_pdbx_struct_conn_angle.ptnr2_auth_seq_id'   
14 4 'Structure model' '_pdbx_struct_conn_angle.ptnr2_label_asym_id' 
15 4 'Structure model' '_pdbx_struct_conn_angle.ptnr3_auth_asym_id'  
16 4 'Structure model' '_pdbx_struct_conn_angle.ptnr3_auth_comp_id'  
17 4 'Structure model' '_pdbx_struct_conn_angle.ptnr3_auth_seq_id'   
18 4 'Structure model' '_pdbx_struct_conn_angle.ptnr3_label_asym_id' 
19 4 'Structure model' '_pdbx_struct_conn_angle.ptnr3_label_atom_id' 
20 4 'Structure model' '_pdbx_struct_conn_angle.ptnr3_label_comp_id' 
21 4 'Structure model' '_pdbx_struct_conn_angle.ptnr3_label_seq_id'  
22 4 'Structure model' '_pdbx_struct_conn_angle.ptnr3_symmetry'      
23 4 'Structure model' '_pdbx_struct_conn_angle.value'               
24 4 'Structure model' '_struct_conn.pdbx_dist_value'                
25 4 'Structure model' '_struct_conn.ptnr1_auth_asym_id'             
26 4 'Structure model' '_struct_conn.ptnr1_auth_comp_id'             
27 4 'Structure model' '_struct_conn.ptnr1_auth_seq_id'              
28 4 'Structure model' '_struct_conn.ptnr1_label_asym_id'            
29 4 'Structure model' '_struct_conn.ptnr1_label_atom_id'            
30 4 'Structure model' '_struct_conn.ptnr1_label_comp_id'            
31 4 'Structure model' '_struct_conn.ptnr1_label_seq_id'             
32 4 'Structure model' '_struct_conn.ptnr1_symmetry'                 
33 4 'Structure model' '_struct_conn.ptnr2_auth_asym_id'             
34 4 'Structure model' '_struct_conn.ptnr2_auth_comp_id'             
35 4 'Structure model' '_struct_conn.ptnr2_auth_seq_id'              
36 4 'Structure model' '_struct_conn.ptnr2_label_asym_id'            
37 4 'Structure model' '_struct_conn.ptnr2_label_atom_id'            
38 4 'Structure model' '_struct_conn.ptnr2_label_comp_id'            
39 4 'Structure model' '_struct_conn.ptnr2_label_seq_id'             
40 4 'Structure model' '_struct_conn.ptnr2_symmetry'                 
41 4 'Structure model' '_struct_site.pdbx_auth_asym_id'              
42 4 'Structure model' '_struct_site.pdbx_auth_comp_id'              
43 4 'Structure model' '_struct_site.pdbx_auth_seq_id'               
# 
_pdbx_database_status.status_code                     REL 
_pdbx_database_status.entry_id                        473D 
_pdbx_database_status.recvd_initial_deposition_date   1999-05-18 
_pdbx_database_status.deposit_site                    NDB 
_pdbx_database_status.process_site                    NDB 
_pdbx_database_status.status_code_sf                  REL 
_pdbx_database_status.SG_entry                        . 
_pdbx_database_status.pdb_format_compatible           Y 
_pdbx_database_status.status_code_mr                  ? 
_pdbx_database_status.status_code_cs                  ? 
_pdbx_database_status.status_code_nmr_data            ? 
_pdbx_database_status.methods_development_category    ? 
# 
loop_
_audit_author.name 
_audit_author.pdbx_ordinal 
'Abrescia, N.G.A.' 1 
'Malinina, L.'     2 
'Subirana, J.A.'   3 
# 
_citation.id                        primary 
_citation.title                     'Stacking interaction of guanine with netropsin in the minor groove of d(CGTATATACG)2.' 
_citation.journal_abbrev            J.Mol.Biol. 
_citation.journal_volume            294 
_citation.page_first                657 
_citation.page_last                 666 
_citation.year                      1999 
_citation.journal_id_ASTM           JMOBAK 
_citation.country                   UK 
_citation.journal_id_ISSN           0022-2836 
_citation.journal_id_CSD            0070 
_citation.book_publisher            ? 
_citation.pdbx_database_id_PubMed   10610787 
_citation.pdbx_database_id_DOI      10.1006/jmbi.1999.3280 
# 
loop_
_citation_author.citation_id 
_citation_author.name 
_citation_author.ordinal 
_citation_author.identifier_ORCID 
primary 'Abrescia, N.G.' 1 ? 
primary 'Malinina, L.'   2 ? 
primary 'Subirana, J.A.' 3 ? 
# 
loop_
_entity.id 
_entity.type 
_entity.src_method 
_entity.pdbx_description 
_entity.formula_weight 
_entity.pdbx_number_of_molecules 
_entity.pdbx_ec 
_entity.pdbx_mutation 
_entity.pdbx_fragment 
_entity.details 
1 polymer     syn 
;DNA (5'-D(*CP*GP*TP*AP*TP*AP*TP*AP*CP*G)-3')
;
3044.017 2  ? ? ? ? 
2 non-polymer syn 'NICKEL (II) ION'                              58.693   4  ? ? ? ? 
3 non-polymer syn NETROPSIN                                      430.464  1  ? ? ? ? 
4 water       nat water                                          18.015   82 ? ? ? ? 
# 
_entity_poly.entity_id                      1 
_entity_poly.type                           polydeoxyribonucleotide 
_entity_poly.nstd_linkage                   no 
_entity_poly.nstd_monomer                   no 
_entity_poly.pdbx_seq_one_letter_code       '(DC)(DG)(DT)(DA)(DT)(DA)(DT)(DA)(DC)(DG)' 
_entity_poly.pdbx_seq_one_letter_code_can   CGTATATACG 
_entity_poly.pdbx_strand_id                 A,B 
_entity_poly.pdbx_target_identifier         ? 
# 
loop_
_pdbx_entity_nonpoly.entity_id 
_pdbx_entity_nonpoly.name 
_pdbx_entity_nonpoly.comp_id 
2 'NICKEL (II) ION' NI  
3 NETROPSIN         NT  
4 water             HOH 
# 
loop_
_entity_poly_seq.entity_id 
_entity_poly_seq.num 
_entity_poly_seq.mon_id 
_entity_poly_seq.hetero 
1 1  DC n 
1 2  DG n 
1 3  DT n 
1 4  DA n 
1 5  DT n 
1 6  DA n 
1 7  DT n 
1 8  DA n 
1 9  DC n 
1 10 DG n 
# 
loop_
_chem_comp.id 
_chem_comp.type 
_chem_comp.mon_nstd_flag 
_chem_comp.name 
_chem_comp.pdbx_synonyms 
_chem_comp.formula 
_chem_comp.formula_weight 
DA  'DNA linking' y "2'-DEOXYADENOSINE-5'-MONOPHOSPHATE" ? 'C10 H14 N5 O6 P' 331.222 
DC  'DNA linking' y "2'-DEOXYCYTIDINE-5'-MONOPHOSPHATE"  ? 'C9 H14 N3 O7 P'  307.197 
DG  'DNA linking' y "2'-DEOXYGUANOSINE-5'-MONOPHOSPHATE" ? 'C10 H14 N5 O7 P' 347.221 
DT  'DNA linking' y "THYMIDINE-5'-MONOPHOSPHATE"         ? 'C10 H15 N2 O8 P' 322.208 
HOH non-polymer   . WATER                                ? 'H2 O'            18.015  
NI  non-polymer   . 'NICKEL (II) ION'                    ? 'Ni 2'            58.693  
NT  non-polymer   . NETROPSIN                            ? 'C18 H26 N10 O3'  430.464 
# 
loop_
_pdbx_poly_seq_scheme.asym_id 
_pdbx_poly_seq_scheme.entity_id 
_pdbx_poly_seq_scheme.seq_id 
_pdbx_poly_seq_scheme.mon_id 
_pdbx_poly_seq_scheme.ndb_seq_num 
_pdbx_poly_seq_scheme.pdb_seq_num 
_pdbx_poly_seq_scheme.auth_seq_num 
_pdbx_poly_seq_scheme.pdb_mon_id 
_pdbx_poly_seq_scheme.auth_mon_id 
_pdbx_poly_seq_scheme.pdb_strand_id 
_pdbx_poly_seq_scheme.pdb_ins_code 
_pdbx_poly_seq_scheme.hetero 
A 1 1  DC 1  1  1  DC C A . n 
A 1 2  DG 2  2  2  DG G A . n 
A 1 3  DT 3  3  3  DT T A . n 
A 1 4  DA 4  4  4  DA A A . n 
A 1 5  DT 5  5  5  DT T A . n 
A 1 6  DA 6  6  6  DA A A . n 
A 1 7  DT 7  7  7  DT T A . n 
A 1 8  DA 8  8  8  DA A A . n 
A 1 9  DC 9  9  9  DC C A . n 
A 1 10 DG 10 10 10 DG G A . n 
B 1 1  DC 1  11 11 DC C B . n 
B 1 2  DG 2  12 12 DG G B . n 
B 1 3  DT 3  13 13 DT T B . n 
B 1 4  DA 4  14 14 DA A B . n 
B 1 5  DT 5  15 15 DT T B . n 
B 1 6  DA 6  16 16 DA A B . n 
B 1 7  DT 7  17 17 DT T B . n 
B 1 8  DA 8  18 18 DA A B . n 
B 1 9  DC 9  19 19 DC C B . n 
B 1 10 DG 10 20 20 DG G B . n 
# 
loop_
_pdbx_nonpoly_scheme.asym_id 
_pdbx_nonpoly_scheme.entity_id 
_pdbx_nonpoly_scheme.mon_id 
_pdbx_nonpoly_scheme.ndb_seq_num 
_pdbx_nonpoly_scheme.pdb_seq_num 
_pdbx_nonpoly_scheme.auth_seq_num 
_pdbx_nonpoly_scheme.pdb_mon_id 
_pdbx_nonpoly_scheme.auth_mon_id 
_pdbx_nonpoly_scheme.pdb_strand_id 
_pdbx_nonpoly_scheme.pdb_ins_code 
C 2 NI  1  350  350  NI  NI  A . 
D 2 NI  1  352  352  NI  NI  A . 
E 3 NT  1  21   21   NT  NT  B . 
F 2 NI  1  351  351  NI  NI  B . 
G 2 NI  1  353  353  NI  NI  B . 
H 4 HOH 1  1000 1000 HOH HOH A . 
H 4 HOH 2  1001 1001 HOH HOH A . 
H 4 HOH 3  1002 1002 HOH HOH A . 
H 4 HOH 4  1003 1003 HOH HOH A . 
H 4 HOH 5  1004 1004 HOH HOH A . 
H 4 HOH 6  1010 1010 HOH HOH A . 
H 4 HOH 7  1011 1011 HOH HOH A . 
H 4 HOH 8  1012 1012 HOH HOH A . 
H 4 HOH 9  1013 1013 HOH HOH A . 
H 4 HOH 10 1014 1014 HOH HOH A . 
H 4 HOH 11 1022 1022 HOH HOH A . 
H 4 HOH 12 1023 1023 HOH HOH A . 
H 4 HOH 13 1024 1024 HOH HOH A . 
H 4 HOH 14 1025 1025 HOH HOH A . 
H 4 HOH 15 1026 1026 HOH HOH A . 
H 4 HOH 16 1029 1029 HOH HOH A . 
H 4 HOH 17 1030 1030 HOH HOH A . 
H 4 HOH 18 1031 1031 HOH HOH A . 
H 4 HOH 19 1032 1032 HOH HOH A . 
H 4 HOH 20 1033 1033 HOH HOH A . 
H 4 HOH 21 1034 1034 HOH HOH A . 
H 4 HOH 22 1035 1035 HOH HOH A . 
H 4 HOH 23 1037 1037 HOH HOH A . 
H 4 HOH 24 1038 1038 HOH HOH A . 
H 4 HOH 25 1041 1041 HOH HOH A . 
H 4 HOH 26 1043 1043 HOH HOH A . 
H 4 HOH 27 1050 1050 HOH HOH A . 
H 4 HOH 28 1051 1051 HOH HOH A . 
H 4 HOH 29 1052 1052 HOH HOH A . 
H 4 HOH 30 1054 1054 HOH HOH A . 
H 4 HOH 31 1055 1055 HOH HOH A . 
H 4 HOH 32 1060 1060 HOH HOH A . 
H 4 HOH 33 1061 1061 HOH HOH A . 
H 4 HOH 34 1063 1063 HOH HOH A . 
H 4 HOH 35 1064 1064 HOH HOH A . 
H 4 HOH 36 1065 1065 HOH HOH A . 
H 4 HOH 37 1069 1069 HOH HOH A . 
H 4 HOH 38 1070 1070 HOH HOH A . 
H 4 HOH 39 1075 1075 HOH HOH A . 
H 4 HOH 40 1077 1077 HOH HOH A . 
H 4 HOH 41 1078 1078 HOH HOH A . 
I 4 HOH 1  1005 1005 HOH HOH B . 
I 4 HOH 2  1006 1006 HOH HOH B . 
I 4 HOH 3  1007 1007 HOH HOH B . 
I 4 HOH 4  1008 1008 HOH HOH B . 
I 4 HOH 5  1009 1009 HOH HOH B . 
I 4 HOH 6  1015 1015 HOH HOH B . 
I 4 HOH 7  1016 1016 HOH HOH B . 
I 4 HOH 8  1017 1017 HOH HOH B . 
I 4 HOH 9  1018 1018 HOH HOH B . 
I 4 HOH 10 1019 1019 HOH HOH B . 
I 4 HOH 11 1020 1020 HOH HOH B . 
I 4 HOH 12 1021 1021 HOH HOH B . 
I 4 HOH 13 1027 1027 HOH HOH B . 
I 4 HOH 14 1028 1028 HOH HOH B . 
I 4 HOH 15 1036 1036 HOH HOH B . 
I 4 HOH 16 1039 1039 HOH HOH B . 
I 4 HOH 17 1040 1040 HOH HOH B . 
I 4 HOH 18 1042 1042 HOH HOH B . 
I 4 HOH 19 1044 1044 HOH HOH B . 
I 4 HOH 20 1045 1045 HOH HOH B . 
I 4 HOH 21 1046 1046 HOH HOH B . 
I 4 HOH 22 1047 1047 HOH HOH B . 
I 4 HOH 23 1048 1048 HOH HOH B . 
I 4 HOH 24 1049 1049 HOH HOH B . 
I 4 HOH 25 1053 1053 HOH HOH B . 
I 4 HOH 26 1056 1056 HOH HOH B . 
I 4 HOH 27 1057 1057 HOH HOH B . 
I 4 HOH 28 1058 1058 HOH HOH B . 
I 4 HOH 29 1059 1059 HOH HOH B . 
I 4 HOH 30 1062 1062 HOH HOH B . 
I 4 HOH 31 1066 1066 HOH HOH B . 
I 4 HOH 32 1067 1067 HOH HOH B . 
I 4 HOH 33 1068 1068 HOH HOH B . 
I 4 HOH 34 1071 1071 HOH HOH B . 
I 4 HOH 35 1072 1072 HOH HOH B . 
I 4 HOH 36 1073 1073 HOH HOH B . 
I 4 HOH 37 1074 1074 HOH HOH B . 
I 4 HOH 38 1076 1076 HOH HOH B . 
I 4 HOH 39 1079 1079 HOH HOH B . 
I 4 HOH 40 1080 1080 HOH HOH B . 
I 4 HOH 41 1081 1081 HOH HOH B . 
# 
loop_
_pdbx_unobs_or_zero_occ_atoms.id 
_pdbx_unobs_or_zero_occ_atoms.PDB_model_num 
_pdbx_unobs_or_zero_occ_atoms.polymer_flag 
_pdbx_unobs_or_zero_occ_atoms.occupancy_flag 
_pdbx_unobs_or_zero_occ_atoms.auth_asym_id 
_pdbx_unobs_or_zero_occ_atoms.auth_comp_id 
_pdbx_unobs_or_zero_occ_atoms.auth_seq_id 
_pdbx_unobs_or_zero_occ_atoms.PDB_ins_code 
_pdbx_unobs_or_zero_occ_atoms.auth_atom_id 
_pdbx_unobs_or_zero_occ_atoms.label_alt_id 
_pdbx_unobs_or_zero_occ_atoms.label_asym_id 
_pdbx_unobs_or_zero_occ_atoms.label_comp_id 
_pdbx_unobs_or_zero_occ_atoms.label_seq_id 
_pdbx_unobs_or_zero_occ_atoms.label_atom_id 
1  1 Y 1 A DC 1  ? "O5'" ? A DC 1 "O5'" 
2  1 Y 1 A DC 1  ? "C5'" ? A DC 1 "C5'" 
3  1 Y 1 A DC 1  ? "C4'" ? A DC 1 "C4'" 
4  1 Y 1 A DC 1  ? "O4'" ? A DC 1 "O4'" 
5  1 Y 1 A DC 1  ? "C3'" ? A DC 1 "C3'" 
6  1 Y 1 A DC 1  ? "C2'" ? A DC 1 "C2'" 
7  1 Y 1 A DC 1  ? "C1'" ? A DC 1 "C1'" 
8  1 Y 1 A DC 1  ? N1    ? A DC 1 N1    
9  1 Y 1 A DC 1  ? C2    ? A DC 1 C2    
10 1 Y 1 A DC 1  ? O2    ? A DC 1 O2    
11 1 Y 1 A DC 1  ? N3    ? A DC 1 N3    
12 1 Y 1 A DC 1  ? C4    ? A DC 1 C4    
13 1 Y 1 A DC 1  ? N4    ? A DC 1 N4    
14 1 Y 1 A DC 1  ? C5    ? A DC 1 C5    
15 1 Y 1 A DC 1  ? C6    ? A DC 1 C6    
16 1 Y 1 B DC 11 ? "O5'" ? B DC 1 "O5'" 
17 1 Y 1 B DC 11 ? "C5'" ? B DC 1 "C5'" 
18 1 Y 1 B DC 11 ? "C4'" ? B DC 1 "C4'" 
19 1 Y 1 B DC 11 ? "O4'" ? B DC 1 "O4'" 
20 1 Y 1 B DC 11 ? "C3'" ? B DC 1 "C3'" 
21 1 Y 1 B DC 11 ? "C2'" ? B DC 1 "C2'" 
22 1 Y 1 B DC 11 ? "C1'" ? B DC 1 "C1'" 
23 1 Y 1 B DC 11 ? N1    ? B DC 1 N1    
24 1 Y 1 B DC 11 ? C2    ? B DC 1 C2    
25 1 Y 1 B DC 11 ? O2    ? B DC 1 O2    
26 1 Y 1 B DC 11 ? N3    ? B DC 1 N3    
27 1 Y 1 B DC 11 ? C4    ? B DC 1 C4    
28 1 Y 1 B DC 11 ? N4    ? B DC 1 N4    
29 1 Y 1 B DC 11 ? C5    ? B DC 1 C5    
30 1 Y 1 B DC 11 ? C6    ? B DC 1 C6    
# 
loop_
_software.name 
_software.classification 
_software.version 
_software.citation_id 
_software.pdbx_ordinal 
AMoRE     phasing          . ? 1 
SHELXL-97 refinement       . ? 2 
DENZO     'data reduction' . ? 3 
SCALEPACK 'data scaling'   . ? 4 
# 
_cell.entry_id           473D 
_cell.length_a           25.180 
_cell.length_b           39.110 
_cell.length_c           53.470 
_cell.angle_alpha        90.00 
_cell.angle_beta         90.00 
_cell.angle_gamma        90.00 
_cell.Z_PDB              8 
_cell.pdbx_unique_axis   ? 
# 
_symmetry.entry_id                         473D 
_symmetry.space_group_name_H-M             'P 21 21 21' 
_symmetry.pdbx_full_space_group_name_H-M   ? 
_symmetry.cell_setting                     orthorhombic 
_symmetry.Int_Tables_number                19 
# 
_exptl.entry_id          473D 
_exptl.method            'X-RAY DIFFRACTION' 
_exptl.crystals_number   1 
# 
_exptl_crystal.id                    1 
_exptl_crystal.density_meas          ? 
_exptl_crystal.density_percent_sol   41.02 
_exptl_crystal.density_Matthews      2.09 
_exptl_crystal.description           ? 
# 
_exptl_crystal_grow.crystal_id      1 
_exptl_crystal_grow.method          'VAPOR DIFFUSION, HANGING DROP' 
_exptl_crystal_grow.temp            293 
_exptl_crystal_grow.temp_details    ? 
_exptl_crystal_grow.pH              6.0 
_exptl_crystal_grow.pdbx_details    
;0.2 MM DUPLEX, 10 MM NICL2, 2 MM NETROPSIN, 25 MM NA-CACODILATE (BUFFER), 4% MPD, pH 6.0, VAPOR DIFFUSION, HANGING DROP, temperature 293K
;
_exptl_crystal_grow.pdbx_pH_range   ? 
# 
loop_
_exptl_crystal_grow_comp.crystal_id 
_exptl_crystal_grow_comp.id 
_exptl_crystal_grow_comp.sol_id 
_exptl_crystal_grow_comp.name 
_exptl_crystal_grow_comp.volume 
_exptl_crystal_grow_comp.conc 
_exptl_crystal_grow_comp.details 
1 1 1 NICL2               ? ? ? 
1 2 1 NETROPSIN           ? ? ? 
1 3 1 'SODIUM CACODYLATE' ? ? ? 
1 4 1 MPD                 ? ? ? 
1 5 2 MPD                 ? ? ? 
# 
_diffrn.id                     1 
_diffrn.ambient_temp           110 
_diffrn.ambient_temp_details   ? 
_diffrn.crystal_id             1 
# 
_diffrn_detector.diffrn_id              1 
_diffrn_detector.detector               'IMAGE PLATE' 
_diffrn_detector.type                   MARRESEARCH 
_diffrn_detector.pdbx_collection_date   1998-06-06 
_diffrn_detector.details                ? 
# 
_diffrn_radiation.diffrn_id                        1 
_diffrn_radiation.wavelength_id                    1 
_diffrn_radiation.pdbx_monochromatic_or_laue_m_l   M 
_diffrn_radiation.monochromator                    ? 
_diffrn_radiation.pdbx_diffrn_protocol             'SINGLE WAVELENGTH' 
_diffrn_radiation.pdbx_scattering_type             x-ray 
# 
_diffrn_radiation_wavelength.id           1 
_diffrn_radiation_wavelength.wavelength   0.9058 
_diffrn_radiation_wavelength.wt           1.0 
# 
_diffrn_source.diffrn_id                   1 
_diffrn_source.source                      SYNCHROTRON 
_diffrn_source.type                        'EMBL/DESY, HAMBURG BEAMLINE X11' 
_diffrn_source.pdbx_synchrotron_site       'EMBL/DESY, HAMBURG' 
_diffrn_source.pdbx_synchrotron_beamline   X11 
_diffrn_source.pdbx_wavelength             0.9058 
_diffrn_source.pdbx_wavelength_list        ? 
# 
_reflns.entry_id                     473D 
_reflns.observed_criterion_sigma_I   0 
_reflns.observed_criterion_sigma_F   ? 
_reflns.d_resolution_low             20.0 
_reflns.d_resolution_high            1.58 
_reflns.number_obs                   7613 
_reflns.number_all                   7613 
_reflns.percent_possible_obs         98.7 
_reflns.pdbx_Rmerge_I_obs            0.0710000 
_reflns.pdbx_Rsym_value              ? 
_reflns.pdbx_netI_over_sigmaI        ? 
_reflns.B_iso_Wilson_estimate        ? 
_reflns.pdbx_redundancy              5.3 
_reflns.R_free_details               ? 
_reflns.pdbx_diffrn_id               1 
_reflns.pdbx_ordinal                 1 
# 
_reflns_shell.d_res_high             1.58 
_reflns_shell.d_res_low              1.62 
_reflns_shell.percent_possible_all   ? 
_reflns_shell.Rmerge_I_obs           0.3030000 
_reflns_shell.pdbx_Rsym_value        ? 
_reflns_shell.meanI_over_sigI_obs    ? 
_reflns_shell.pdbx_redundancy        ? 
_reflns_shell.percent_possible_obs   ? 
_reflns_shell.number_unique_all      ? 
_reflns_shell.pdbx_diffrn_id         ? 
_reflns_shell.pdbx_ordinal           1 
# 
_refine.entry_id                                 473D 
_refine.ls_number_reflns_obs                     5942 
_refine.ls_number_reflns_all                     7613 
_refine.pdbx_ls_sigma_I                          0 
_refine.pdbx_ls_sigma_F                          0 
_refine.pdbx_data_cutoff_high_absF               ? 
_refine.pdbx_data_cutoff_low_absF                ? 
_refine.pdbx_data_cutoff_high_rms_absF           ? 
_refine.ls_d_res_low                             20.0 
_refine.ls_d_res_high                            1.58 
_refine.ls_percent_reflns_obs                    78 
_refine.ls_R_factor_obs                          ? 
_refine.ls_R_factor_all                          0.2077000 
_refine.ls_R_factor_R_work                       ? 
_refine.ls_R_factor_R_free                       ? 
_refine.ls_R_factor_R_free_error                 ? 
_refine.ls_R_factor_R_free_error_details         ? 
_refine.ls_percent_reflns_R_free                 ? 
_refine.ls_number_reflns_R_free                  ? 
_refine.ls_number_parameters                     ? 
_refine.ls_number_restraints                     ? 
_refine.occupancy_min                            ? 
_refine.occupancy_max                            ? 
_refine.B_iso_mean                               ? 
_refine.aniso_B[1][1]                            ? 
_refine.aniso_B[2][2]                            ? 
_refine.aniso_B[3][3]                            ? 
_refine.aniso_B[1][2]                            ? 
_refine.aniso_B[1][3]                            ? 
_refine.aniso_B[2][3]                            ? 
_refine.solvent_model_details                    ? 
_refine.solvent_model_param_ksol                 ? 
_refine.solvent_model_param_bsol                 ? 
_refine.pdbx_ls_cross_valid_method               THROUGHOUT 
_refine.details                                  ? 
_refine.pdbx_starting_model                      ? 
_refine.pdbx_method_to_determine_struct          ? 
_refine.pdbx_isotropic_thermal_model             ? 
_refine.pdbx_stereochemistry_target_values       ? 
_refine.pdbx_stereochem_target_val_spec_case     ? 
_refine.pdbx_R_Free_selection_details            RANDOM 
_refine.pdbx_overall_ESU_R                       ? 
_refine.pdbx_overall_ESU_R_Free                  ? 
_refine.overall_SU_ML                            ? 
_refine.overall_SU_B                             ? 
_refine.ls_redundancy_reflns_obs                 ? 
_refine.correlation_coeff_Fo_to_Fc               ? 
_refine.correlation_coeff_Fo_to_Fc_free          ? 
_refine.overall_SU_R_Cruickshank_DPI             ? 
_refine.overall_SU_R_free                        ? 
_refine.pdbx_refine_id                           'X-RAY DIFFRACTION' 
_refine.pdbx_diffrn_id                           1 
_refine.pdbx_TLS_residual_ADP_flag               ? 
_refine.pdbx_solvent_vdw_probe_radii             ? 
_refine.pdbx_solvent_ion_probe_radii             ? 
_refine.pdbx_solvent_shrinkage_radii             ? 
_refine.pdbx_overall_phase_error                 ? 
_refine.pdbx_overall_SU_R_free_Cruickshank_DPI   ? 
_refine.pdbx_overall_SU_R_Blow_DPI               ? 
_refine.pdbx_overall_SU_R_free_Blow_DPI          ? 
# 
_refine_hist.pdbx_refine_id                   'X-RAY DIFFRACTION' 
_refine_hist.cycle_id                         LAST 
_refine_hist.pdbx_number_atoms_protein        0 
_refine_hist.pdbx_number_atoms_nucleic_acid   374 
_refine_hist.pdbx_number_atoms_ligand         35 
_refine_hist.number_atoms_solvent             82 
_refine_hist.number_atoms_total               491 
_refine_hist.d_res_high                       1.58 
_refine_hist.d_res_low                        20.0 
# 
loop_
_refine_ls_restr.type 
_refine_ls_restr.dev_ideal 
_refine_ls_restr.dev_ideal_target 
_refine_ls_restr.weight 
_refine_ls_restr.number 
_refine_ls_restr.pdbx_refine_id 
_refine_ls_restr.pdbx_restraint_function 
s_bond_d               0.028 ? ? ? 'X-RAY DIFFRACTION' ? 
s_angle_d              2.8   ? ? ? 'X-RAY DIFFRACTION' ? 
s_similar_dist         ?     ? ? ? 'X-RAY DIFFRACTION' ? 
s_from_restr_planes    ?     ? ? ? 'X-RAY DIFFRACTION' ? 
s_zero_chiral_vol      ?     ? ? ? 'X-RAY DIFFRACTION' ? 
s_non_zero_chiral_vol  ?     ? ? ? 'X-RAY DIFFRACTION' ? 
s_anti_bump_dis_restr  ?     ? ? ? 'X-RAY DIFFRACTION' ? 
s_rigid_bond_adp_cmpnt ?     ? ? ? 'X-RAY DIFFRACTION' ? 
s_similar_adp_cmpnt    ?     ? ? ? 'X-RAY DIFFRACTION' ? 
s_approx_iso_adps      ?     ? ? ? 'X-RAY DIFFRACTION' ? 
# 
_pdbx_refine.entry_id                                    473D 
_pdbx_refine.R_factor_all_no_cutoff                      ? 
_pdbx_refine.R_factor_obs_no_cutoff                      ? 
_pdbx_refine.free_R_factor_no_cutoff                     ? 
_pdbx_refine.free_R_val_test_set_size_perc_no_cutoff     ? 
_pdbx_refine.free_R_val_test_set_ct_no_cutoff            ? 
_pdbx_refine.R_factor_all_4sig_cutoff                    0.1819000 
_pdbx_refine.R_factor_obs_4sig_cutoff                    0.1746000 
_pdbx_refine.free_R_factor_4sig_cutoff                   0.2475000 
_pdbx_refine.free_R_val_test_set_size_perc_4sig_cutoff   10 
_pdbx_refine.free_R_val_test_set_ct_4sig_cutoff          599 
_pdbx_refine.number_reflns_obs_4sig_cutoff               5942 
_pdbx_refine.number_reflns_obs_no_cutoff                 ? 
_pdbx_refine.pdbx_refine_id                              'X-RAY DIFFRACTION' 
_pdbx_refine.free_R_error_no_cutoff                      ? 
# 
_struct.entry_id                  473D 
_struct.title                     'NI2+/GUANINE INTERACTIONS AND NETROPSIN/GUANINE STACKING IN D(CGTATATACG)2' 
_struct.pdbx_model_details        ? 
_struct.pdbx_CASP_flag            ? 
_struct.pdbx_model_type_details   ? 
# 
_struct_keywords.entry_id        473D 
_struct_keywords.pdbx_keywords   DNA 
_struct_keywords.text            'NETROPSIN/GUANINE STACKING, NI2+/GUANINE INTERACTIONS, MINOR GROOVE BINDING, DNA' 
# 
loop_
_struct_asym.id 
_struct_asym.pdbx_blank_PDB_chainid_flag 
_struct_asym.pdbx_modified 
_struct_asym.entity_id 
_struct_asym.details 
A N N 1 ? 
B N N 1 ? 
C N N 2 ? 
D N N 2 ? 
E N N 3 ? 
F N N 2 ? 
G N N 2 ? 
H N N 4 ? 
I N N 4 ? 
# 
_struct_ref.id                         1 
_struct_ref.entity_id                  1 
_struct_ref.db_name                    PDB 
_struct_ref.db_code                    473D 
_struct_ref.pdbx_db_accession          473D 
_struct_ref.pdbx_db_isoform            ? 
_struct_ref.pdbx_seq_one_letter_code   ? 
_struct_ref.pdbx_align_begin           ? 
# 
loop_
_struct_ref_seq.align_id 
_struct_ref_seq.ref_id 
_struct_ref_seq.pdbx_PDB_id_code 
_struct_ref_seq.pdbx_strand_id 
_struct_ref_seq.seq_align_beg 
_struct_ref_seq.pdbx_seq_align_beg_ins_code 
_struct_ref_seq.seq_align_end 
_struct_ref_seq.pdbx_seq_align_end_ins_code 
_struct_ref_seq.pdbx_db_accession 
_struct_ref_seq.db_align_beg 
_struct_ref_seq.pdbx_db_align_beg_ins_code 
_struct_ref_seq.db_align_end 
_struct_ref_seq.pdbx_db_align_end_ins_code 
_struct_ref_seq.pdbx_auth_seq_align_beg 
_struct_ref_seq.pdbx_auth_seq_align_end 
1 1 473D A 1 ? 10 ? 473D 1  ? 10 ? 1  10 
2 1 473D B 1 ? 10 ? 473D 11 ? 20 ? 11 20 
# 
_pdbx_struct_assembly.id                   1 
_pdbx_struct_assembly.details              author_defined_assembly 
_pdbx_struct_assembly.method_details       ? 
_pdbx_struct_assembly.oligomeric_details   dimeric 
_pdbx_struct_assembly.oligomeric_count     2 
# 
_pdbx_struct_assembly_gen.assembly_id       1 
_pdbx_struct_assembly_gen.oper_expression   1 
_pdbx_struct_assembly_gen.asym_id_list      A,B,C,D,E,F,G,H,I 
# 
_pdbx_struct_oper_list.id                   1 
_pdbx_struct_oper_list.type                 'identity operation' 
_pdbx_struct_oper_list.name                 1_555 
_pdbx_struct_oper_list.symmetry_operation   x,y,z 
_pdbx_struct_oper_list.matrix[1][1]         1.0000000000 
_pdbx_struct_oper_list.matrix[1][2]         0.0000000000 
_pdbx_struct_oper_list.matrix[1][3]         0.0000000000 
_pdbx_struct_oper_list.vector[1]            0.0000000000 
_pdbx_struct_oper_list.matrix[2][1]         0.0000000000 
_pdbx_struct_oper_list.matrix[2][2]         1.0000000000 
_pdbx_struct_oper_list.matrix[2][3]         0.0000000000 
_pdbx_struct_oper_list.vector[2]            0.0000000000 
_pdbx_struct_oper_list.matrix[3][1]         0.0000000000 
_pdbx_struct_oper_list.matrix[3][2]         0.0000000000 
_pdbx_struct_oper_list.matrix[3][3]         1.0000000000 
_pdbx_struct_oper_list.vector[3]            0.0000000000 
# 
_struct_biol.id                    1 
_struct_biol.pdbx_parent_biol_id   ? 
_struct_biol.details               ? 
# 
loop_
_struct_conn.id 
_struct_conn.conn_type_id 
_struct_conn.pdbx_leaving_atom_flag 
_struct_conn.pdbx_PDB_id 
_struct_conn.ptnr1_label_asym_id 
_struct_conn.ptnr1_label_comp_id 
_struct_conn.ptnr1_label_seq_id 
_struct_conn.ptnr1_label_atom_id 
_struct_conn.pdbx_ptnr1_label_alt_id 
_struct_conn.pdbx_ptnr1_PDB_ins_code 
_struct_conn.pdbx_ptnr1_standard_comp_id 
_struct_conn.ptnr1_symmetry 
_struct_conn.ptnr2_label_asym_id 
_struct_conn.ptnr2_label_comp_id 
_struct_conn.ptnr2_label_seq_id 
_struct_conn.ptnr2_label_atom_id 
_struct_conn.pdbx_ptnr2_label_alt_id 
_struct_conn.pdbx_ptnr2_PDB_ins_code 
_struct_conn.ptnr1_auth_asym_id 
_struct_conn.ptnr1_auth_comp_id 
_struct_conn.ptnr1_auth_seq_id 
_struct_conn.ptnr2_auth_asym_id 
_struct_conn.ptnr2_auth_comp_id 
_struct_conn.ptnr2_auth_seq_id 
_struct_conn.ptnr2_symmetry 
_struct_conn.pdbx_ptnr3_label_atom_id 
_struct_conn.pdbx_ptnr3_label_seq_id 
_struct_conn.pdbx_ptnr3_label_comp_id 
_struct_conn.pdbx_ptnr3_label_asym_id 
_struct_conn.pdbx_ptnr3_label_alt_id 
_struct_conn.pdbx_ptnr3_PDB_ins_code 
_struct_conn.details 
_struct_conn.pdbx_dist_value 
_struct_conn.pdbx_value_order 
_struct_conn.pdbx_role 
metalc1  metalc ? ? A DG 2  N7  ? ? ? 1_555 D NI  . NI ? ? A DG 2   A NI  352  1_555 ? ? ? ? ? ? ?            2.142 ? ? 
metalc2  metalc ? ? A DT 5  OP2 ? ? ? 4_465 G NI  . NI ? ? A DT 5   B NI  353  1_555 ? ? ? ? ? ? ?            2.158 ? ? 
metalc3  metalc ? ? A DG 10 N7  ? ? ? 1_555 C NI  . NI ? ? A DG 10  A NI  350  1_555 ? ? ? ? ? ? ?            2.070 ? ? 
metalc4  metalc ? ? C NI .  NI  ? ? ? 1_555 H HOH . O  ? ? A NI 350 A HOH 1000 1_555 ? ? ? ? ? ? ?            2.138 ? ? 
metalc5  metalc ? ? C NI .  NI  ? ? ? 1_555 H HOH . O  ? ? A NI 350 A HOH 1001 1_555 ? ? ? ? ? ? ?            2.167 ? ? 
metalc6  metalc ? ? C NI .  NI  ? ? ? 1_555 H HOH . O  ? ? A NI 350 A HOH 1002 1_555 ? ? ? ? ? ? ?            2.131 ? ? 
metalc7  metalc ? ? C NI .  NI  ? ? ? 1_555 H HOH . O  ? ? A NI 350 A HOH 1003 1_555 ? ? ? ? ? ? ?            2.013 ? ? 
metalc8  metalc ? ? C NI .  NI  ? ? ? 1_555 H HOH . O  ? ? A NI 350 A HOH 1004 1_555 ? ? ? ? ? ? ?            1.980 ? ? 
metalc9  metalc ? ? D NI .  NI  ? ? ? 1_555 H HOH . O  ? ? A NI 352 A HOH 1010 1_555 ? ? ? ? ? ? ?            2.327 ? ? 
metalc10 metalc ? ? D NI .  NI  ? ? ? 1_555 H HOH . O  ? ? A NI 352 A HOH 1011 1_555 ? ? ? ? ? ? ?            2.213 ? ? 
metalc11 metalc ? ? D NI .  NI  ? ? ? 1_555 H HOH . O  ? ? A NI 352 A HOH 1012 1_555 ? ? ? ? ? ? ?            2.172 ? ? 
metalc12 metalc ? ? D NI .  NI  ? ? ? 1_555 H HOH . O  ? ? A NI 352 A HOH 1013 1_555 ? ? ? ? ? ? ?            2.263 ? ? 
metalc13 metalc ? ? D NI .  NI  ? ? ? 1_555 H HOH . O  ? ? A NI 352 A HOH 1014 1_555 ? ? ? ? ? ? ?            1.933 ? ? 
metalc14 metalc ? ? B DG 2  N7  ? ? ? 1_555 F NI  . NI ? ? B DG 12  B NI  351  1_555 ? ? ? ? ? ? ?            2.102 ? ? 
metalc15 metalc ? ? B DG 10 N7  ? ? ? 1_555 G NI  . NI ? ? B DG 20  B NI  353  1_555 ? ? ? ? ? ? ?            2.078 ? ? 
metalc16 metalc ? ? F NI .  NI  ? ? ? 1_555 I HOH . O  ? ? B NI 351 B HOH 1005 1_555 ? ? ? ? ? ? ?            2.044 ? ? 
metalc17 metalc ? ? F NI .  NI  ? ? ? 1_555 I HOH . O  ? ? B NI 351 B HOH 1006 1_555 ? ? ? ? ? ? ?            2.010 ? ? 
metalc18 metalc ? ? F NI .  NI  ? ? ? 1_555 I HOH . O  ? ? B NI 351 B HOH 1007 1_555 ? ? ? ? ? ? ?            1.949 ? ? 
metalc19 metalc ? ? F NI .  NI  ? ? ? 1_555 I HOH . O  ? ? B NI 351 B HOH 1008 1_555 ? ? ? ? ? ? ?            2.008 ? ? 
metalc20 metalc ? ? F NI .  NI  ? ? ? 1_555 I HOH . O  ? ? B NI 351 B HOH 1009 1_555 ? ? ? ? ? ? ?            2.094 ? ? 
metalc21 metalc ? ? G NI .  NI  ? ? ? 1_555 I HOH . O  ? ? B NI 353 B HOH 1015 1_555 ? ? ? ? ? ? ?            1.979 ? ? 
metalc22 metalc ? ? G NI .  NI  ? ? ? 1_555 I HOH . O  ? ? B NI 353 B HOH 1016 1_555 ? ? ? ? ? ? ?            2.055 ? ? 
metalc23 metalc ? ? G NI .  NI  ? ? ? 1_555 I HOH . O  ? ? B NI 353 B HOH 1017 1_555 ? ? ? ? ? ? ?            2.088 ? ? 
metalc24 metalc ? ? G NI .  NI  ? ? ? 1_555 I HOH . O  ? ? B NI 353 B HOH 1018 1_555 ? ? ? ? ? ? ?            1.972 ? ? 
hydrog1  hydrog ? ? A DG 2  N1  ? ? ? 1_555 B DC  9 N3 ? ? A DG 2   B DC  19   1_555 ? ? ? ? ? ? WATSON-CRICK ?     ? ? 
hydrog2  hydrog ? ? A DG 2  N2  ? ? ? 1_555 B DC  9 O2 ? ? A DG 2   B DC  19   1_555 ? ? ? ? ? ? WATSON-CRICK ?     ? ? 
hydrog3  hydrog ? ? A DG 2  O6  ? ? ? 1_555 B DC  9 N4 ? ? A DG 2   B DC  19   1_555 ? ? ? ? ? ? WATSON-CRICK ?     ? ? 
hydrog4  hydrog ? ? A DT 3  N3  ? ? ? 1_555 B DA  8 N1 ? ? A DT 3   B DA  18   1_555 ? ? ? ? ? ? WATSON-CRICK ?     ? ? 
hydrog5  hydrog ? ? A DT 3  O4  ? ? ? 1_555 B DA  8 N6 ? ? A DT 3   B DA  18   1_555 ? ? ? ? ? ? WATSON-CRICK ?     ? ? 
hydrog6  hydrog ? ? A DA 4  N1  ? ? ? 1_555 B DT  7 N3 ? ? A DA 4   B DT  17   1_555 ? ? ? ? ? ? WATSON-CRICK ?     ? ? 
hydrog7  hydrog ? ? A DA 4  N6  ? ? ? 1_555 B DT  7 O4 ? ? A DA 4   B DT  17   1_555 ? ? ? ? ? ? WATSON-CRICK ?     ? ? 
hydrog8  hydrog ? ? A DT 5  N3  ? ? ? 1_555 B DA  6 N1 ? ? A DT 5   B DA  16   1_555 ? ? ? ? ? ? WATSON-CRICK ?     ? ? 
hydrog9  hydrog ? ? A DT 5  O4  ? ? ? 1_555 B DA  6 N6 ? ? A DT 5   B DA  16   1_555 ? ? ? ? ? ? WATSON-CRICK ?     ? ? 
hydrog10 hydrog ? ? A DA 6  N1  ? ? ? 1_555 B DT  5 N3 ? ? A DA 6   B DT  15   1_555 ? ? ? ? ? ? WATSON-CRICK ?     ? ? 
hydrog11 hydrog ? ? A DA 6  N6  ? ? ? 1_555 B DT  5 O4 ? ? A DA 6   B DT  15   1_555 ? ? ? ? ? ? WATSON-CRICK ?     ? ? 
hydrog12 hydrog ? ? A DT 7  N3  ? ? ? 1_555 B DA  4 N1 ? ? A DT 7   B DA  14   1_555 ? ? ? ? ? ? WATSON-CRICK ?     ? ? 
hydrog13 hydrog ? ? A DT 7  O4  ? ? ? 1_555 B DA  4 N6 ? ? A DT 7   B DA  14   1_555 ? ? ? ? ? ? WATSON-CRICK ?     ? ? 
hydrog14 hydrog ? ? A DA 8  N1  ? ? ? 1_555 B DT  3 N3 ? ? A DA 8   B DT  13   1_555 ? ? ? ? ? ? WATSON-CRICK ?     ? ? 
hydrog15 hydrog ? ? A DA 8  N6  ? ? ? 1_555 B DT  3 O4 ? ? A DA 8   B DT  13   1_555 ? ? ? ? ? ? WATSON-CRICK ?     ? ? 
hydrog16 hydrog ? ? A DC 9  N3  ? ? ? 1_555 B DG  2 N1 ? ? A DC 9   B DG  12   1_555 ? ? ? ? ? ? WATSON-CRICK ?     ? ? 
hydrog17 hydrog ? ? A DC 9  N4  ? ? ? 1_555 B DG  2 O6 ? ? A DC 9   B DG  12   1_555 ? ? ? ? ? ? WATSON-CRICK ?     ? ? 
hydrog18 hydrog ? ? A DC 9  O2  ? ? ? 1_555 B DG  2 N2 ? ? A DC 9   B DG  12   1_555 ? ? ? ? ? ? WATSON-CRICK ?     ? ? 
# 
loop_
_struct_conn_type.id 
_struct_conn_type.criteria 
_struct_conn_type.reference 
metalc ? ? 
hydrog ? ? 
# 
loop_
_pdbx_struct_conn_angle.id 
_pdbx_struct_conn_angle.ptnr1_label_atom_id 
_pdbx_struct_conn_angle.ptnr1_label_alt_id 
_pdbx_struct_conn_angle.ptnr1_label_asym_id 
_pdbx_struct_conn_angle.ptnr1_label_comp_id 
_pdbx_struct_conn_angle.ptnr1_label_seq_id 
_pdbx_struct_conn_angle.ptnr1_auth_atom_id 
_pdbx_struct_conn_angle.ptnr1_auth_asym_id 
_pdbx_struct_conn_angle.ptnr1_auth_comp_id 
_pdbx_struct_conn_angle.ptnr1_auth_seq_id 
_pdbx_struct_conn_angle.ptnr1_PDB_ins_code 
_pdbx_struct_conn_angle.ptnr1_symmetry 
_pdbx_struct_conn_angle.ptnr2_label_atom_id 
_pdbx_struct_conn_angle.ptnr2_label_alt_id 
_pdbx_struct_conn_angle.ptnr2_label_asym_id 
_pdbx_struct_conn_angle.ptnr2_label_comp_id 
_pdbx_struct_conn_angle.ptnr2_label_seq_id 
_pdbx_struct_conn_angle.ptnr2_auth_atom_id 
_pdbx_struct_conn_angle.ptnr2_auth_asym_id 
_pdbx_struct_conn_angle.ptnr2_auth_comp_id 
_pdbx_struct_conn_angle.ptnr2_auth_seq_id 
_pdbx_struct_conn_angle.ptnr2_PDB_ins_code 
_pdbx_struct_conn_angle.ptnr2_symmetry 
_pdbx_struct_conn_angle.ptnr3_label_atom_id 
_pdbx_struct_conn_angle.ptnr3_label_alt_id 
_pdbx_struct_conn_angle.ptnr3_label_asym_id 
_pdbx_struct_conn_angle.ptnr3_label_comp_id 
_pdbx_struct_conn_angle.ptnr3_label_seq_id 
_pdbx_struct_conn_angle.ptnr3_auth_atom_id 
_pdbx_struct_conn_angle.ptnr3_auth_asym_id 
_pdbx_struct_conn_angle.ptnr3_auth_comp_id 
_pdbx_struct_conn_angle.ptnr3_auth_seq_id 
_pdbx_struct_conn_angle.ptnr3_PDB_ins_code 
_pdbx_struct_conn_angle.ptnr3_symmetry 
_pdbx_struct_conn_angle.value 
_pdbx_struct_conn_angle.value_esd 
1  N7  ? A DG  2  ? A DG  2    ? 1_555 NI ? D NI . ? A NI 352 ? 1_555 O  ? H HOH .  ? A HOH 1010 ? 1_555 97.1  ? 
2  N7  ? A DG  2  ? A DG  2    ? 1_555 NI ? D NI . ? A NI 352 ? 1_555 O  ? H HOH .  ? A HOH 1011 ? 1_555 95.0  ? 
3  O   ? H HOH .  ? A HOH 1010 ? 1_555 NI ? D NI . ? A NI 352 ? 1_555 O  ? H HOH .  ? A HOH 1011 ? 1_555 75.7  ? 
4  N7  ? A DG  2  ? A DG  2    ? 1_555 NI ? D NI . ? A NI 352 ? 1_555 O  ? H HOH .  ? A HOH 1012 ? 1_555 87.9  ? 
5  O   ? H HOH .  ? A HOH 1010 ? 1_555 NI ? D NI . ? A NI 352 ? 1_555 O  ? H HOH .  ? A HOH 1012 ? 1_555 83.1  ? 
6  O   ? H HOH .  ? A HOH 1011 ? 1_555 NI ? D NI . ? A NI 352 ? 1_555 O  ? H HOH .  ? A HOH 1012 ? 1_555 158.8 ? 
7  N7  ? A DG  2  ? A DG  2    ? 1_555 NI ? D NI . ? A NI 352 ? 1_555 O  ? H HOH .  ? A HOH 1013 ? 1_555 174.8 ? 
8  O   ? H HOH .  ? A HOH 1010 ? 1_555 NI ? D NI . ? A NI 352 ? 1_555 O  ? H HOH .  ? A HOH 1013 ? 1_555 87.1  ? 
9  O   ? H HOH .  ? A HOH 1011 ? 1_555 NI ? D NI . ? A NI 352 ? 1_555 O  ? H HOH .  ? A HOH 1013 ? 1_555 83.1  ? 
10 O   ? H HOH .  ? A HOH 1012 ? 1_555 NI ? D NI . ? A NI 352 ? 1_555 O  ? H HOH .  ? A HOH 1013 ? 1_555 95.7  ? 
11 N7  ? A DG  2  ? A DG  2    ? 1_555 NI ? D NI . ? A NI 352 ? 1_555 O  ? H HOH .  ? A HOH 1014 ? 1_555 79.0  ? 
12 O   ? H HOH .  ? A HOH 1010 ? 1_555 NI ? D NI . ? A NI 352 ? 1_555 O  ? H HOH .  ? A HOH 1014 ? 1_555 170.2 ? 
13 O   ? H HOH .  ? A HOH 1011 ? 1_555 NI ? D NI . ? A NI 352 ? 1_555 O  ? H HOH .  ? A HOH 1014 ? 1_555 113.4 ? 
14 O   ? H HOH .  ? A HOH 1012 ? 1_555 NI ? D NI . ? A NI 352 ? 1_555 O  ? H HOH .  ? A HOH 1014 ? 1_555 87.7  ? 
15 O   ? H HOH .  ? A HOH 1013 ? 1_555 NI ? D NI . ? A NI 352 ? 1_555 O  ? H HOH .  ? A HOH 1014 ? 1_555 97.3  ? 
16 OP2 ? A DT  5  ? A DT  5    ? 4_465 NI ? G NI . ? B NI 353 ? 1_555 N7 ? B DG  10 ? B DG  20   ? 1_555 179.2 ? 
17 OP2 ? A DT  5  ? A DT  5    ? 4_465 NI ? G NI . ? B NI 353 ? 1_555 O  ? I HOH .  ? B HOH 1015 ? 1_555 85.9  ? 
18 N7  ? B DG  10 ? B DG  20   ? 1_555 NI ? G NI . ? B NI 353 ? 1_555 O  ? I HOH .  ? B HOH 1015 ? 1_555 93.4  ? 
19 OP2 ? A DT  5  ? A DT  5    ? 4_465 NI ? G NI . ? B NI 353 ? 1_555 O  ? I HOH .  ? B HOH 1016 ? 1_555 85.0  ? 
20 N7  ? B DG  10 ? B DG  20   ? 1_555 NI ? G NI . ? B NI 353 ? 1_555 O  ? I HOH .  ? B HOH 1016 ? 1_555 94.4  ? 
21 O   ? I HOH .  ? B HOH 1015 ? 1_555 NI ? G NI . ? B NI 353 ? 1_555 O  ? I HOH .  ? B HOH 1016 ? 1_555 87.2  ? 
22 OP2 ? A DT  5  ? A DT  5    ? 4_465 NI ? G NI . ? B NI 353 ? 1_555 O  ? I HOH .  ? B HOH 1017 ? 1_555 89.0  ? 
23 N7  ? B DG  10 ? B DG  20   ? 1_555 NI ? G NI . ? B NI 353 ? 1_555 O  ? I HOH .  ? B HOH 1017 ? 1_555 91.6  ? 
24 O   ? I HOH .  ? B HOH 1015 ? 1_555 NI ? G NI . ? B NI 353 ? 1_555 O  ? I HOH .  ? B HOH 1017 ? 1_555 174.9 ? 
25 O   ? I HOH .  ? B HOH 1016 ? 1_555 NI ? G NI . ? B NI 353 ? 1_555 O  ? I HOH .  ? B HOH 1017 ? 1_555 92.1  ? 
26 OP2 ? A DT  5  ? A DT  5    ? 4_465 NI ? G NI . ? B NI 353 ? 1_555 O  ? I HOH .  ? B HOH 1018 ? 1_555 91.3  ? 
27 N7  ? B DG  10 ? B DG  20   ? 1_555 NI ? G NI . ? B NI 353 ? 1_555 O  ? I HOH .  ? B HOH 1018 ? 1_555 89.2  ? 
28 O   ? I HOH .  ? B HOH 1015 ? 1_555 NI ? G NI . ? B NI 353 ? 1_555 O  ? I HOH .  ? B HOH 1018 ? 1_555 92.9  ? 
29 O   ? I HOH .  ? B HOH 1016 ? 1_555 NI ? G NI . ? B NI 353 ? 1_555 O  ? I HOH .  ? B HOH 1018 ? 1_555 176.3 ? 
30 O   ? I HOH .  ? B HOH 1017 ? 1_555 NI ? G NI . ? B NI 353 ? 1_555 O  ? I HOH .  ? B HOH 1018 ? 1_555 87.4  ? 
31 N7  ? A DG  10 ? A DG  10   ? 1_555 NI ? C NI . ? A NI 350 ? 1_555 O  ? H HOH .  ? A HOH 1000 ? 1_555 177.4 ? 
32 N7  ? A DG  10 ? A DG  10   ? 1_555 NI ? C NI . ? A NI 350 ? 1_555 O  ? H HOH .  ? A HOH 1001 ? 1_555 98.0  ? 
33 O   ? H HOH .  ? A HOH 1000 ? 1_555 NI ? C NI . ? A NI 350 ? 1_555 O  ? H HOH .  ? A HOH 1001 ? 1_555 84.3  ? 
34 N7  ? A DG  10 ? A DG  10   ? 1_555 NI ? C NI . ? A NI 350 ? 1_555 O  ? H HOH .  ? A HOH 1002 ? 1_555 92.0  ? 
35 O   ? H HOH .  ? A HOH 1000 ? 1_555 NI ? C NI . ? A NI 350 ? 1_555 O  ? H HOH .  ? A HOH 1002 ? 1_555 89.2  ? 
36 O   ? H HOH .  ? A HOH 1001 ? 1_555 NI ? C NI . ? A NI 350 ? 1_555 O  ? H HOH .  ? A HOH 1002 ? 1_555 92.6  ? 
37 N7  ? A DG  10 ? A DG  10   ? 1_555 NI ? C NI . ? A NI 350 ? 1_555 O  ? H HOH .  ? A HOH 1003 ? 1_555 87.9  ? 
38 O   ? H HOH .  ? A HOH 1000 ? 1_555 NI ? C NI . ? A NI 350 ? 1_555 O  ? H HOH .  ? A HOH 1003 ? 1_555 89.8  ? 
39 O   ? H HOH .  ? A HOH 1001 ? 1_555 NI ? C NI . ? A NI 350 ? 1_555 O  ? H HOH .  ? A HOH 1003 ? 1_555 173.9 ? 
40 O   ? H HOH .  ? A HOH 1002 ? 1_555 NI ? C NI . ? A NI 350 ? 1_555 O  ? H HOH .  ? A HOH 1003 ? 1_555 88.5  ? 
41 N7  ? A DG  10 ? A DG  10   ? 1_555 NI ? C NI . ? A NI 350 ? 1_555 O  ? H HOH .  ? A HOH 1004 ? 1_555 90.6  ? 
42 O   ? H HOH .  ? A HOH 1000 ? 1_555 NI ? C NI . ? A NI 350 ? 1_555 O  ? H HOH .  ? A HOH 1004 ? 1_555 88.3  ? 
43 O   ? H HOH .  ? A HOH 1001 ? 1_555 NI ? C NI . ? A NI 350 ? 1_555 O  ? H HOH .  ? A HOH 1004 ? 1_555 85.8  ? 
44 O   ? H HOH .  ? A HOH 1002 ? 1_555 NI ? C NI . ? A NI 350 ? 1_555 O  ? H HOH .  ? A HOH 1004 ? 1_555 177.2 ? 
45 O   ? H HOH .  ? A HOH 1003 ? 1_555 NI ? C NI . ? A NI 350 ? 1_555 O  ? H HOH .  ? A HOH 1004 ? 1_555 92.7  ? 
46 N7  ? B DG  2  ? B DG  12   ? 1_555 NI ? F NI . ? B NI 351 ? 1_555 O  ? I HOH .  ? B HOH 1005 ? 1_555 176.9 ? 
47 N7  ? B DG  2  ? B DG  12   ? 1_555 NI ? F NI . ? B NI 351 ? 1_555 O  ? I HOH .  ? B HOH 1006 ? 1_555 86.7  ? 
48 O   ? I HOH .  ? B HOH 1005 ? 1_555 NI ? F NI . ? B NI 351 ? 1_555 O  ? I HOH .  ? B HOH 1006 ? 1_555 96.2  ? 
49 N7  ? B DG  2  ? B DG  12   ? 1_555 NI ? F NI . ? B NI 351 ? 1_555 O  ? I HOH .  ? B HOH 1007 ? 1_555 89.1  ? 
50 O   ? I HOH .  ? B HOH 1005 ? 1_555 NI ? F NI . ? B NI 351 ? 1_555 O  ? I HOH .  ? B HOH 1007 ? 1_555 88.0  ? 
51 O   ? I HOH .  ? B HOH 1006 ? 1_555 NI ? F NI . ? B NI 351 ? 1_555 O  ? I HOH .  ? B HOH 1007 ? 1_555 173.2 ? 
52 N7  ? B DG  2  ? B DG  12   ? 1_555 NI ? F NI . ? B NI 351 ? 1_555 O  ? I HOH .  ? B HOH 1008 ? 1_555 89.1  ? 
53 O   ? I HOH .  ? B HOH 1005 ? 1_555 NI ? F NI . ? B NI 351 ? 1_555 O  ? I HOH .  ? B HOH 1008 ? 1_555 89.7  ? 
54 O   ? I HOH .  ? B HOH 1006 ? 1_555 NI ? F NI . ? B NI 351 ? 1_555 O  ? I HOH .  ? B HOH 1008 ? 1_555 89.2  ? 
55 O   ? I HOH .  ? B HOH 1007 ? 1_555 NI ? F NI . ? B NI 351 ? 1_555 O  ? I HOH .  ? B HOH 1008 ? 1_555 85.4  ? 
56 N7  ? B DG  2  ? B DG  12   ? 1_555 NI ? F NI . ? B NI 351 ? 1_555 O  ? I HOH .  ? B HOH 1009 ? 1_555 91.7  ? 
57 O   ? I HOH .  ? B HOH 1005 ? 1_555 NI ? F NI . ? B NI 351 ? 1_555 O  ? I HOH .  ? B HOH 1009 ? 1_555 89.0  ? 
58 O   ? I HOH .  ? B HOH 1006 ? 1_555 NI ? F NI . ? B NI 351 ? 1_555 O  ? I HOH .  ? B HOH 1009 ? 1_555 99.7  ? 
59 O   ? I HOH .  ? B HOH 1007 ? 1_555 NI ? F NI . ? B NI 351 ? 1_555 O  ? I HOH .  ? B HOH 1009 ? 1_555 85.7  ? 
60 O   ? I HOH .  ? B HOH 1008 ? 1_555 NI ? F NI . ? B NI 351 ? 1_555 O  ? I HOH .  ? B HOH 1009 ? 1_555 171.1 ? 
# 
loop_
_struct_site.id 
_struct_site.pdbx_evidence_code 
_struct_site.pdbx_auth_asym_id 
_struct_site.pdbx_auth_comp_id 
_struct_site.pdbx_auth_seq_id 
_struct_site.pdbx_auth_ins_code 
_struct_site.pdbx_num_residues 
_struct_site.details 
AC1 Software B NT 21  ? 17 'BINDING SITE FOR RESIDUE NT B 21'  
AC2 Software A NI 350 ? 6  'BINDING SITE FOR RESIDUE NI A 350' 
AC3 Software B NI 351 ? 6  'BINDING SITE FOR RESIDUE NI B 351' 
AC4 Software A NI 352 ? 6  'BINDING SITE FOR RESIDUE NI A 352' 
AC5 Software B NI 353 ? 6  'BINDING SITE FOR RESIDUE NI B 353' 
1   ?        ? ?  ?   ? ?  ?                                   
# 
loop_
_struct_site_gen.id 
_struct_site_gen.site_id 
_struct_site_gen.pdbx_num_res 
_struct_site_gen.label_comp_id 
_struct_site_gen.label_asym_id 
_struct_site_gen.label_seq_id 
_struct_site_gen.pdbx_auth_ins_code 
_struct_site_gen.auth_comp_id 
_struct_site_gen.auth_asym_id 
_struct_site_gen.auth_seq_id 
_struct_site_gen.label_atom_id 
_struct_site_gen.label_alt_id 
_struct_site_gen.symmetry 
_struct_site_gen.details 
1  AC1 17 DT  A 3  ? DT  A 3    . ? 1_555 ? 
2  AC1 17 DA  A 4  ? DA  A 4    . ? 1_555 ? 
3  AC1 17 DA  A 6  ? DA  A 6    . ? 1_555 ? 
4  AC1 17 DT  A 7  ? DT  A 7    . ? 1_555 ? 
5  AC1 17 DG  A 10 ? DG  A 10   . ? 2_564 ? 
6  AC1 17 DG  A 10 ? DG  A 10   . ? 3_555 ? 
7  AC1 17 HOH H .  ? HOH A 1001 . ? 3_555 ? 
8  AC1 17 DA  B 4  ? DA  B 14   . ? 1_555 ? 
9  AC1 17 DT  B 5  ? DT  B 15   . ? 1_555 ? 
10 AC1 17 DA  B 6  ? DA  B 16   . ? 1_555 ? 
11 AC1 17 DT  B 7  ? DT  B 17   . ? 1_555 ? 
12 AC1 17 DA  B 8  ? DA  B 18   . ? 1_555 ? 
13 AC1 17 DC  B 9  ? DC  B 19   . ? 1_555 ? 
14 AC1 17 HOH I .  ? HOH B 1039 . ? 1_555 ? 
15 AC1 17 HOH I .  ? HOH B 1048 . ? 1_555 ? 
16 AC1 17 HOH I .  ? HOH B 1049 . ? 1_555 ? 
17 AC1 17 HOH I .  ? HOH B 1059 . ? 1_555 ? 
18 AC2 6  DG  A 10 ? DG  A 10   . ? 1_555 ? 
19 AC2 6  HOH H .  ? HOH A 1000 . ? 1_555 ? 
20 AC2 6  HOH H .  ? HOH A 1001 . ? 1_555 ? 
21 AC2 6  HOH H .  ? HOH A 1002 . ? 1_555 ? 
22 AC2 6  HOH H .  ? HOH A 1003 . ? 1_555 ? 
23 AC2 6  HOH H .  ? HOH A 1004 . ? 1_555 ? 
24 AC3 6  DG  B 2  ? DG  B 12   . ? 1_555 ? 
25 AC3 6  HOH I .  ? HOH B 1005 . ? 1_555 ? 
26 AC3 6  HOH I .  ? HOH B 1006 . ? 1_555 ? 
27 AC3 6  HOH I .  ? HOH B 1007 . ? 1_555 ? 
28 AC3 6  HOH I .  ? HOH B 1008 . ? 1_555 ? 
29 AC3 6  HOH I .  ? HOH B 1009 . ? 1_555 ? 
30 AC4 6  DG  A 2  ? DG  A 2    . ? 1_555 ? 
31 AC4 6  HOH H .  ? HOH A 1010 . ? 1_555 ? 
32 AC4 6  HOH H .  ? HOH A 1011 . ? 1_555 ? 
33 AC4 6  HOH H .  ? HOH A 1012 . ? 1_555 ? 
34 AC4 6  HOH H .  ? HOH A 1013 . ? 1_555 ? 
35 AC4 6  HOH H .  ? HOH A 1014 . ? 1_555 ? 
36 AC5 6  DT  A 5  ? DT  A 5    . ? 4_465 ? 
37 AC5 6  DG  B 10 ? DG  B 20   . ? 1_555 ? 
38 AC5 6  HOH I .  ? HOH B 1015 . ? 1_555 ? 
39 AC5 6  HOH I .  ? HOH B 1016 . ? 1_555 ? 
40 AC5 6  HOH I .  ? HOH B 1017 . ? 1_555 ? 
41 AC5 6  HOH I .  ? HOH B 1018 . ? 1_555 ? 
# 
loop_
_pdbx_validate_rmsd_bond.id 
_pdbx_validate_rmsd_bond.PDB_model_num 
_pdbx_validate_rmsd_bond.auth_atom_id_1 
_pdbx_validate_rmsd_bond.auth_asym_id_1 
_pdbx_validate_rmsd_bond.auth_comp_id_1 
_pdbx_validate_rmsd_bond.auth_seq_id_1 
_pdbx_validate_rmsd_bond.PDB_ins_code_1 
_pdbx_validate_rmsd_bond.label_alt_id_1 
_pdbx_validate_rmsd_bond.auth_atom_id_2 
_pdbx_validate_rmsd_bond.auth_asym_id_2 
_pdbx_validate_rmsd_bond.auth_comp_id_2 
_pdbx_validate_rmsd_bond.auth_seq_id_2 
_pdbx_validate_rmsd_bond.PDB_ins_code_2 
_pdbx_validate_rmsd_bond.label_alt_id_2 
_pdbx_validate_rmsd_bond.bond_value 
_pdbx_validate_rmsd_bond.bond_target_value 
_pdbx_validate_rmsd_bond.bond_deviation 
_pdbx_validate_rmsd_bond.bond_standard_deviation 
_pdbx_validate_rmsd_bond.linker_flag 
1  1 "O4'" A DT 5  ? ? "C1'" A DT 5  ? ? 1.490 1.420 0.070  0.011 N 
2  1 "O4'" A DA 6  ? ? "C1'" A DA 6  ? ? 1.493 1.420 0.073  0.011 N 
3  1 "O4'" A DT 7  ? ? "C1'" A DT 7  ? ? 1.495 1.420 0.075  0.011 N 
4  1 "O3'" B DG 12 ? ? "C3'" B DG 12 ? ? 1.383 1.419 -0.036 0.006 N 
5  1 "O4'" B DT 13 ? ? "C1'" B DT 13 ? ? 1.512 1.420 0.092  0.011 N 
6  1 "O3'" B DT 13 ? ? "C3'" B DT 13 ? ? 1.381 1.419 -0.038 0.006 N 
7  1 "O4'" B DT 15 ? ? "C1'" B DT 15 ? ? 1.489 1.420 0.069  0.011 N 
8  1 "O3'" B DT 15 ? ? "C3'" B DT 15 ? ? 1.381 1.419 -0.038 0.006 N 
9  1 "O4'" B DA 16 ? ? "C1'" B DA 16 ? ? 1.489 1.420 0.069  0.011 N 
10 1 "O4'" B DT 17 ? ? "C1'" B DT 17 ? ? 1.502 1.420 0.082  0.011 N 
# 
loop_
_pdbx_validate_rmsd_angle.id 
_pdbx_validate_rmsd_angle.PDB_model_num 
_pdbx_validate_rmsd_angle.auth_atom_id_1 
_pdbx_validate_rmsd_angle.auth_asym_id_1 
_pdbx_validate_rmsd_angle.auth_comp_id_1 
_pdbx_validate_rmsd_angle.auth_seq_id_1 
_pdbx_validate_rmsd_angle.PDB_ins_code_1 
_pdbx_validate_rmsd_angle.label_alt_id_1 
_pdbx_validate_rmsd_angle.auth_atom_id_2 
_pdbx_validate_rmsd_angle.auth_asym_id_2 
_pdbx_validate_rmsd_angle.auth_comp_id_2 
_pdbx_validate_rmsd_angle.auth_seq_id_2 
_pdbx_validate_rmsd_angle.PDB_ins_code_2 
_pdbx_validate_rmsd_angle.label_alt_id_2 
_pdbx_validate_rmsd_angle.auth_atom_id_3 
_pdbx_validate_rmsd_angle.auth_asym_id_3 
_pdbx_validate_rmsd_angle.auth_comp_id_3 
_pdbx_validate_rmsd_angle.auth_seq_id_3 
_pdbx_validate_rmsd_angle.PDB_ins_code_3 
_pdbx_validate_rmsd_angle.label_alt_id_3 
_pdbx_validate_rmsd_angle.angle_value 
_pdbx_validate_rmsd_angle.angle_target_value 
_pdbx_validate_rmsd_angle.angle_deviation 
_pdbx_validate_rmsd_angle.angle_standard_deviation 
_pdbx_validate_rmsd_angle.linker_flag 
1  1 "O4'" A DG 2  ? ? "C1'" A DG 2  ? ? N9    A DG 2  ? ? 103.76 108.00 -4.24  0.70 N 
2  1 N1    A DG 2  ? ? C6    A DG 2  ? ? O6    A DG 2  ? ? 116.16 119.90 -3.74  0.60 N 
3  1 "O4'" A DT 3  ? ? "C4'" A DT 3  ? ? "C3'" A DT 3  ? ? 101.47 104.50 -3.03  0.40 N 
4  1 "O4'" A DT 5  ? ? "C1'" A DT 5  ? ? "C2'" A DT 5  ? ? 99.56  105.90 -6.34  0.80 N 
5  1 "O4'" A DA 6  ? ? "C1'" A DA 6  ? ? N9    A DA 6  ? ? 101.73 108.00 -6.27  0.70 N 
6  1 N1    A DA 6  ? ? C2    A DA 6  ? ? N3    A DA 6  ? ? 132.62 129.30 3.32   0.50 N 
7  1 "O4'" A DT 7  ? ? "C4'" A DT 7  ? ? "C3'" A DT 7  ? ? 102.01 104.50 -2.49  0.40 N 
8  1 "O4'" A DA 8  ? ? "C1'" A DA 8  ? ? N9    A DA 8  ? ? 102.35 108.00 -5.65  0.70 N 
9  1 "O4'" A DC 9  ? ? "C4'" A DC 9  ? ? "C3'" A DC 9  ? ? 100.82 104.50 -3.68  0.40 N 
10 1 "C5'" A DC 9  ? ? "C4'" A DC 9  ? ? "C3'" A DC 9  ? ? 122.92 115.70 7.22   1.20 N 
11 1 "O4'" B DG 12 ? ? "C4'" B DG 12 ? ? "C3'" B DG 12 ? ? 101.21 104.50 -3.29  0.40 N 
12 1 "O4'" B DG 12 ? ? "C1'" B DG 12 ? ? N9    B DG 12 ? ? 98.32  108.00 -9.68  0.70 N 
13 1 "O4'" B DT 13 ? ? "C1'" B DT 13 ? ? "C2'" B DT 13 ? ? 100.18 105.90 -5.72  0.80 N 
14 1 "O4'" B DT 13 ? ? "C1'" B DT 13 ? ? N1    B DT 13 ? ? 103.12 108.00 -4.88  0.70 N 
15 1 "C3'" B DT 13 ? ? "O3'" B DT 13 ? ? P     B DA 14 ? ? 129.61 119.70 9.91   1.20 Y 
16 1 "O4'" B DA 14 ? ? "C1'" B DA 14 ? ? N9    B DA 14 ? ? 101.01 108.00 -6.99  0.70 N 
17 1 P     B DT 15 ? ? "O5'" B DT 15 ? ? "C5'" B DT 15 ? ? 109.05 120.90 -11.85 1.60 N 
18 1 "O4'" B DT 15 ? ? "C4'" B DT 15 ? ? "C3'" B DT 15 ? ? 101.83 104.50 -2.67  0.40 N 
19 1 "O4'" B DT 15 ? ? "C1'" B DT 15 ? ? "C2'" B DT 15 ? ? 99.93  105.90 -5.97  0.80 N 
20 1 "O4'" B DA 16 ? ? "C1'" B DA 16 ? ? N9    B DA 16 ? ? 100.67 108.00 -7.33  0.70 N 
21 1 N1    B DA 16 ? ? C2    B DA 16 ? ? N3    B DA 16 ? ? 132.71 129.30 3.41   0.50 N 
22 1 "C3'" B DA 16 ? ? "O3'" B DA 16 ? ? P     B DT 17 ? ? 134.06 119.70 14.36  1.20 Y 
23 1 OP1   B DT 17 ? ? P     B DT 17 ? ? OP2   B DT 17 ? ? 128.72 119.60 9.12   1.50 N 
24 1 "O4'" B DT 17 ? ? "C1'" B DT 17 ? ? N1    B DT 17 ? ? 103.45 108.00 -4.55  0.70 N 
25 1 C6    B DT 17 ? ? C5    B DT 17 ? ? C7    B DT 17 ? ? 126.54 122.90 3.64   0.60 N 
26 1 "O4'" B DA 18 ? ? "C4'" B DA 18 ? ? "C3'" B DA 18 ? ? 101.67 104.50 -2.83  0.40 N 
27 1 "O4'" B DA 18 ? ? "C1'" B DA 18 ? ? "C2'" B DA 18 ? ? 101.01 105.90 -4.89  0.80 N 
28 1 "O4'" B DC 19 ? ? "C1'" B DC 19 ? ? "C2'" B DC 19 ? ? 100.20 105.90 -5.70  0.80 N 
29 1 "O4'" B DG 20 ? ? "C1'" B DG 20 ? ? N9    B DG 20 ? ? 102.67 108.00 -5.33  0.70 N 
# 
_struct_site_keywords.site_id   1 
_struct_site_keywords.text      'MINOR GROOVE BINDER' 
# 
loop_
_chem_comp_atom.comp_id 
_chem_comp_atom.atom_id 
_chem_comp_atom.type_symbol 
_chem_comp_atom.pdbx_aromatic_flag 
_chem_comp_atom.pdbx_stereo_config 
_chem_comp_atom.pdbx_ordinal 
DA  OP3    O  N N 1   
DA  P      P  N N 2   
DA  OP1    O  N N 3   
DA  OP2    O  N N 4   
DA  "O5'"  O  N N 5   
DA  "C5'"  C  N N 6   
DA  "C4'"  C  N R 7   
DA  "O4'"  O  N N 8   
DA  "C3'"  C  N S 9   
DA  "O3'"  O  N N 10  
DA  "C2'"  C  N N 11  
DA  "C1'"  C  N R 12  
DA  N9     N  Y N 13  
DA  C8     C  Y N 14  
DA  N7     N  Y N 15  
DA  C5     C  Y N 16  
DA  C6     C  Y N 17  
DA  N6     N  N N 18  
DA  N1     N  Y N 19  
DA  C2     C  Y N 20  
DA  N3     N  Y N 21  
DA  C4     C  Y N 22  
DA  HOP3   H  N N 23  
DA  HOP2   H  N N 24  
DA  "H5'"  H  N N 25  
DA  "H5''" H  N N 26  
DA  "H4'"  H  N N 27  
DA  "H3'"  H  N N 28  
DA  "HO3'" H  N N 29  
DA  "H2'"  H  N N 30  
DA  "H2''" H  N N 31  
DA  "H1'"  H  N N 32  
DA  H8     H  N N 33  
DA  H61    H  N N 34  
DA  H62    H  N N 35  
DA  H2     H  N N 36  
DC  OP3    O  N N 37  
DC  P      P  N N 38  
DC  OP1    O  N N 39  
DC  OP2    O  N N 40  
DC  "O5'"  O  N N 41  
DC  "C5'"  C  N N 42  
DC  "C4'"  C  N R 43  
DC  "O4'"  O  N N 44  
DC  "C3'"  C  N S 45  
DC  "O3'"  O  N N 46  
DC  "C2'"  C  N N 47  
DC  "C1'"  C  N R 48  
DC  N1     N  N N 49  
DC  C2     C  N N 50  
DC  O2     O  N N 51  
DC  N3     N  N N 52  
DC  C4     C  N N 53  
DC  N4     N  N N 54  
DC  C5     C  N N 55  
DC  C6     C  N N 56  
DC  HOP3   H  N N 57  
DC  HOP2   H  N N 58  
DC  "H5'"  H  N N 59  
DC  "H5''" H  N N 60  
DC  "H4'"  H  N N 61  
DC  "H3'"  H  N N 62  
DC  "HO3'" H  N N 63  
DC  "H2'"  H  N N 64  
DC  "H2''" H  N N 65  
DC  "H1'"  H  N N 66  
DC  H41    H  N N 67  
DC  H42    H  N N 68  
DC  H5     H  N N 69  
DC  H6     H  N N 70  
DG  OP3    O  N N 71  
DG  P      P  N N 72  
DG  OP1    O  N N 73  
DG  OP2    O  N N 74  
DG  "O5'"  O  N N 75  
DG  "C5'"  C  N N 76  
DG  "C4'"  C  N R 77  
DG  "O4'"  O  N N 78  
DG  "C3'"  C  N S 79  
DG  "O3'"  O  N N 80  
DG  "C2'"  C  N N 81  
DG  "C1'"  C  N R 82  
DG  N9     N  Y N 83  
DG  C8     C  Y N 84  
DG  N7     N  Y N 85  
DG  C5     C  Y N 86  
DG  C6     C  N N 87  
DG  O6     O  N N 88  
DG  N1     N  N N 89  
DG  C2     C  N N 90  
DG  N2     N  N N 91  
DG  N3     N  N N 92  
DG  C4     C  Y N 93  
DG  HOP3   H  N N 94  
DG  HOP2   H  N N 95  
DG  "H5'"  H  N N 96  
DG  "H5''" H  N N 97  
DG  "H4'"  H  N N 98  
DG  "H3'"  H  N N 99  
DG  "HO3'" H  N N 100 
DG  "H2'"  H  N N 101 
DG  "H2''" H  N N 102 
DG  "H1'"  H  N N 103 
DG  H8     H  N N 104 
DG  H1     H  N N 105 
DG  H21    H  N N 106 
DG  H22    H  N N 107 
DT  OP3    O  N N 108 
DT  P      P  N N 109 
DT  OP1    O  N N 110 
DT  OP2    O  N N 111 
DT  "O5'"  O  N N 112 
DT  "C5'"  C  N N 113 
DT  "C4'"  C  N R 114 
DT  "O4'"  O  N N 115 
DT  "C3'"  C  N S 116 
DT  "O3'"  O  N N 117 
DT  "C2'"  C  N N 118 
DT  "C1'"  C  N R 119 
DT  N1     N  N N 120 
DT  C2     C  N N 121 
DT  O2     O  N N 122 
DT  N3     N  N N 123 
DT  C4     C  N N 124 
DT  O4     O  N N 125 
DT  C5     C  N N 126 
DT  C7     C  N N 127 
DT  C6     C  N N 128 
DT  HOP3   H  N N 129 
DT  HOP2   H  N N 130 
DT  "H5'"  H  N N 131 
DT  "H5''" H  N N 132 
DT  "H4'"  H  N N 133 
DT  "H3'"  H  N N 134 
DT  "HO3'" H  N N 135 
DT  "H2'"  H  N N 136 
DT  "H2''" H  N N 137 
DT  "H1'"  H  N N 138 
DT  H3     H  N N 139 
DT  H71    H  N N 140 
DT  H72    H  N N 141 
DT  H73    H  N N 142 
DT  H6     H  N N 143 
HOH O      O  N N 144 
HOH H1     H  N N 145 
HOH H2     H  N N 146 
NI  NI     NI N N 147 
NT  C1     C  N N 148 
NT  N1     N  N N 149 
NT  N2     N  N N 150 
NT  N3     N  N N 151 
NT  C2     C  N N 152 
NT  C3     C  N N 153 
NT  O1     O  N N 154 
NT  N4     N  N N 155 
NT  C4     C  Y N 156 
NT  C5     C  Y N 157 
NT  C6     C  Y N 158 
NT  N5     N  Y N 159 
NT  C8     C  N N 160 
NT  C7     C  Y N 161 
NT  C9     C  N N 162 
NT  O2     O  N N 163 
NT  N6     N  N N 164 
NT  C10    C  Y N 165 
NT  C11    C  Y N 166 
NT  C12    C  Y N 167 
NT  N7     N  Y N 168 
NT  C14    C  N N 169 
NT  C13    C  Y N 170 
NT  C15    C  N N 171 
NT  O3     O  N N 172 
NT  N8     N  N N 173 
NT  C16    C  N N 174 
NT  C17    C  N N 175 
NT  C18    C  N N 176 
NT  N9     N  N N 177 
NT  N10    N  N N 178 
NT  HN1    H  N N 179 
NT  HN21   H  N N 180 
NT  HN22   H  N N 181 
NT  HN3    H  N N 182 
NT  H21    H  N N 183 
NT  H22    H  N N 184 
NT  HN4    H  N N 185 
NT  H5     H  N N 186 
NT  H81    H  N N 187 
NT  H82    H  N N 188 
NT  H83    H  N N 189 
NT  H7     H  N N 190 
NT  HN6    H  N N 191 
NT  H11    H  N N 192 
NT  H141   H  N N 193 
NT  H142   H  N N 194 
NT  H143   H  N N 195 
NT  H13    H  N N 196 
NT  HN8    H  N N 197 
NT  H161   H  N N 198 
NT  H162   H  N N 199 
NT  H171   H  N N 200 
NT  H172   H  N N 201 
NT  HN9    H  N N 202 
NT  HN01   H  N N 203 
NT  HN02   H  N N 204 
# 
loop_
_chem_comp_bond.comp_id 
_chem_comp_bond.atom_id_1 
_chem_comp_bond.atom_id_2 
_chem_comp_bond.value_order 
_chem_comp_bond.pdbx_aromatic_flag 
_chem_comp_bond.pdbx_stereo_config 
_chem_comp_bond.pdbx_ordinal 
DA  OP3   P      sing N N 1   
DA  OP3   HOP3   sing N N 2   
DA  P     OP1    doub N N 3   
DA  P     OP2    sing N N 4   
DA  P     "O5'"  sing N N 5   
DA  OP2   HOP2   sing N N 6   
DA  "O5'" "C5'"  sing N N 7   
DA  "C5'" "C4'"  sing N N 8   
DA  "C5'" "H5'"  sing N N 9   
DA  "C5'" "H5''" sing N N 10  
DA  "C4'" "O4'"  sing N N 11  
DA  "C4'" "C3'"  sing N N 12  
DA  "C4'" "H4'"  sing N N 13  
DA  "O4'" "C1'"  sing N N 14  
DA  "C3'" "O3'"  sing N N 15  
DA  "C3'" "C2'"  sing N N 16  
DA  "C3'" "H3'"  sing N N 17  
DA  "O3'" "HO3'" sing N N 18  
DA  "C2'" "C1'"  sing N N 19  
DA  "C2'" "H2'"  sing N N 20  
DA  "C2'" "H2''" sing N N 21  
DA  "C1'" N9     sing N N 22  
DA  "C1'" "H1'"  sing N N 23  
DA  N9    C8     sing Y N 24  
DA  N9    C4     sing Y N 25  
DA  C8    N7     doub Y N 26  
DA  C8    H8     sing N N 27  
DA  N7    C5     sing Y N 28  
DA  C5    C6     sing Y N 29  
DA  C5    C4     doub Y N 30  
DA  C6    N6     sing N N 31  
DA  C6    N1     doub Y N 32  
DA  N6    H61    sing N N 33  
DA  N6    H62    sing N N 34  
DA  N1    C2     sing Y N 35  
DA  C2    N3     doub Y N 36  
DA  C2    H2     sing N N 37  
DA  N3    C4     sing Y N 38  
DC  OP3   P      sing N N 39  
DC  OP3   HOP3   sing N N 40  
DC  P     OP1    doub N N 41  
DC  P     OP2    sing N N 42  
DC  P     "O5'"  sing N N 43  
DC  OP2   HOP2   sing N N 44  
DC  "O5'" "C5'"  sing N N 45  
DC  "C5'" "C4'"  sing N N 46  
DC  "C5'" "H5'"  sing N N 47  
DC  "C5'" "H5''" sing N N 48  
DC  "C4'" "O4'"  sing N N 49  
DC  "C4'" "C3'"  sing N N 50  
DC  "C4'" "H4'"  sing N N 51  
DC  "O4'" "C1'"  sing N N 52  
DC  "C3'" "O3'"  sing N N 53  
DC  "C3'" "C2'"  sing N N 54  
DC  "C3'" "H3'"  sing N N 55  
DC  "O3'" "HO3'" sing N N 56  
DC  "C2'" "C1'"  sing N N 57  
DC  "C2'" "H2'"  sing N N 58  
DC  "C2'" "H2''" sing N N 59  
DC  "C1'" N1     sing N N 60  
DC  "C1'" "H1'"  sing N N 61  
DC  N1    C2     sing N N 62  
DC  N1    C6     sing N N 63  
DC  C2    O2     doub N N 64  
DC  C2    N3     sing N N 65  
DC  N3    C4     doub N N 66  
DC  C4    N4     sing N N 67  
DC  C4    C5     sing N N 68  
DC  N4    H41    sing N N 69  
DC  N4    H42    sing N N 70  
DC  C5    C6     doub N N 71  
DC  C5    H5     sing N N 72  
DC  C6    H6     sing N N 73  
DG  OP3   P      sing N N 74  
DG  OP3   HOP3   sing N N 75  
DG  P     OP1    doub N N 76  
DG  P     OP2    sing N N 77  
DG  P     "O5'"  sing N N 78  
DG  OP2   HOP2   sing N N 79  
DG  "O5'" "C5'"  sing N N 80  
DG  "C5'" "C4'"  sing N N 81  
DG  "C5'" "H5'"  sing N N 82  
DG  "C5'" "H5''" sing N N 83  
DG  "C4'" "O4'"  sing N N 84  
DG  "C4'" "C3'"  sing N N 85  
DG  "C4'" "H4'"  sing N N 86  
DG  "O4'" "C1'"  sing N N 87  
DG  "C3'" "O3'"  sing N N 88  
DG  "C3'" "C2'"  sing N N 89  
DG  "C3'" "H3'"  sing N N 90  
DG  "O3'" "HO3'" sing N N 91  
DG  "C2'" "C1'"  sing N N 92  
DG  "C2'" "H2'"  sing N N 93  
DG  "C2'" "H2''" sing N N 94  
DG  "C1'" N9     sing N N 95  
DG  "C1'" "H1'"  sing N N 96  
DG  N9    C8     sing Y N 97  
DG  N9    C4     sing Y N 98  
DG  C8    N7     doub Y N 99  
DG  C8    H8     sing N N 100 
DG  N7    C5     sing Y N 101 
DG  C5    C6     sing N N 102 
DG  C5    C4     doub Y N 103 
DG  C6    O6     doub N N 104 
DG  C6    N1     sing N N 105 
DG  N1    C2     sing N N 106 
DG  N1    H1     sing N N 107 
DG  C2    N2     sing N N 108 
DG  C2    N3     doub N N 109 
DG  N2    H21    sing N N 110 
DG  N2    H22    sing N N 111 
DG  N3    C4     sing N N 112 
DT  OP3   P      sing N N 113 
DT  OP3   HOP3   sing N N 114 
DT  P     OP1    doub N N 115 
DT  P     OP2    sing N N 116 
DT  P     "O5'"  sing N N 117 
DT  OP2   HOP2   sing N N 118 
DT  "O5'" "C5'"  sing N N 119 
DT  "C5'" "C4'"  sing N N 120 
DT  "C5'" "H5'"  sing N N 121 
DT  "C5'" "H5''" sing N N 122 
DT  "C4'" "O4'"  sing N N 123 
DT  "C4'" "C3'"  sing N N 124 
DT  "C4'" "H4'"  sing N N 125 
DT  "O4'" "C1'"  sing N N 126 
DT  "C3'" "O3'"  sing N N 127 
DT  "C3'" "C2'"  sing N N 128 
DT  "C3'" "H3'"  sing N N 129 
DT  "O3'" "HO3'" sing N N 130 
DT  "C2'" "C1'"  sing N N 131 
DT  "C2'" "H2'"  sing N N 132 
DT  "C2'" "H2''" sing N N 133 
DT  "C1'" N1     sing N N 134 
DT  "C1'" "H1'"  sing N N 135 
DT  N1    C2     sing N N 136 
DT  N1    C6     sing N N 137 
DT  C2    O2     doub N N 138 
DT  C2    N3     sing N N 139 
DT  N3    C4     sing N N 140 
DT  N3    H3     sing N N 141 
DT  C4    O4     doub N N 142 
DT  C4    C5     sing N N 143 
DT  C5    C7     sing N N 144 
DT  C5    C6     doub N N 145 
DT  C7    H71    sing N N 146 
DT  C7    H72    sing N N 147 
DT  C7    H73    sing N N 148 
DT  C6    H6     sing N N 149 
HOH O     H1     sing N N 150 
HOH O     H2     sing N N 151 
NT  C1    N1     doub N N 152 
NT  C1    N2     sing N N 153 
NT  C1    N3     sing N N 154 
NT  N1    HN1    sing N N 155 
NT  N2    HN21   sing N N 156 
NT  N2    HN22   sing N N 157 
NT  N3    C2     sing N N 158 
NT  N3    HN3    sing N N 159 
NT  C2    C3     sing N N 160 
NT  C2    H21    sing N N 161 
NT  C2    H22    sing N N 162 
NT  C3    O1     doub N N 163 
NT  C3    N4     sing N N 164 
NT  N4    C4     sing N N 165 
NT  N4    HN4    sing N N 166 
NT  C4    C5     sing Y N 167 
NT  C4    C7     doub Y N 168 
NT  C5    C6     doub Y N 169 
NT  C5    H5     sing N N 170 
NT  C6    N5     sing Y N 171 
NT  C6    C9     sing N N 172 
NT  N5    C8     sing N N 173 
NT  N5    C7     sing Y N 174 
NT  C8    H81    sing N N 175 
NT  C8    H82    sing N N 176 
NT  C8    H83    sing N N 177 
NT  C7    H7     sing N N 178 
NT  C9    O2     doub N N 179 
NT  C9    N6     sing N N 180 
NT  N6    C10    sing N N 181 
NT  N6    HN6    sing N N 182 
NT  C10   C11    sing Y N 183 
NT  C10   C13    doub Y N 184 
NT  C11   C12    doub Y N 185 
NT  C11   H11    sing N N 186 
NT  C12   N7     sing Y N 187 
NT  C12   C15    sing N N 188 
NT  N7    C14    sing N N 189 
NT  N7    C13    sing Y N 190 
NT  C14   H141   sing N N 191 
NT  C14   H142   sing N N 192 
NT  C14   H143   sing N N 193 
NT  C13   H13    sing N N 194 
NT  C15   O3     doub N N 195 
NT  C15   N8     sing N N 196 
NT  N8    C16    sing N N 197 
NT  N8    HN8    sing N N 198 
NT  C16   C17    sing N N 199 
NT  C16   H161   sing N N 200 
NT  C16   H162   sing N N 201 
NT  C17   C18    sing N N 202 
NT  C17   H171   sing N N 203 
NT  C17   H172   sing N N 204 
NT  C18   N9     doub N N 205 
NT  C18   N10    sing N N 206 
NT  N9    HN9    sing N N 207 
NT  N10   HN01   sing N N 208 
NT  N10   HN02   sing N N 209 
# 
loop_
_ndb_struct_conf_na.entry_id 
_ndb_struct_conf_na.feature 
473D 'double helix'        
473D 'b-form double helix' 
# 
loop_
_ndb_struct_na_base_pair.model_number 
_ndb_struct_na_base_pair.i_label_asym_id 
_ndb_struct_na_base_pair.i_label_comp_id 
_ndb_struct_na_base_pair.i_label_seq_id 
_ndb_struct_na_base_pair.i_symmetry 
_ndb_struct_na_base_pair.j_label_asym_id 
_ndb_struct_na_base_pair.j_label_comp_id 
_ndb_struct_na_base_pair.j_label_seq_id 
_ndb_struct_na_base_pair.j_symmetry 
_ndb_struct_na_base_pair.shear 
_ndb_struct_na_base_pair.stretch 
_ndb_struct_na_base_pair.stagger 
_ndb_struct_na_base_pair.buckle 
_ndb_struct_na_base_pair.propeller 
_ndb_struct_na_base_pair.opening 
_ndb_struct_na_base_pair.pair_number 
_ndb_struct_na_base_pair.pair_name 
_ndb_struct_na_base_pair.i_auth_asym_id 
_ndb_struct_na_base_pair.i_auth_seq_id 
_ndb_struct_na_base_pair.i_PDB_ins_code 
_ndb_struct_na_base_pair.j_auth_asym_id 
_ndb_struct_na_base_pair.j_auth_seq_id 
_ndb_struct_na_base_pair.j_PDB_ins_code 
_ndb_struct_na_base_pair.hbond_type_28 
_ndb_struct_na_base_pair.hbond_type_12 
1 A DG 2 1_555 B DC 9 1_555 -0.162 -0.002 -0.144 -19.919 -3.339  1.469  1 A_DG2:DC19_B A 2 ? B 19 ? 19 1 
1 A DT 3 1_555 B DA 8 1_555 -0.247 -0.054 -0.296 -4.002  -5.137  2.726  2 A_DT3:DA18_B A 3 ? B 18 ? 20 1 
1 A DA 4 1_555 B DT 7 1_555 0.064  -0.176 0.076  -4.298  -6.942  -1.424 3 A_DA4:DT17_B A 4 ? B 17 ? 20 1 
1 A DT 5 1_555 B DA 6 1_555 0.028  -0.039 -0.102 8.078   -4.382  0.880  4 A_DT5:DA16_B A 5 ? B 16 ? 20 1 
1 A DA 6 1_555 B DT 5 1_555 -0.084 -0.224 0.129  -6.160  -13.522 1.169  5 A_DA6:DT15_B A 6 ? B 15 ? 20 1 
1 A DT 7 1_555 B DA 4 1_555 -0.053 -0.072 0.099  -0.991  -15.365 0.250  6 A_DT7:DA14_B A 7 ? B 14 ? 20 1 
1 A DA 8 1_555 B DT 3 1_555 -0.023 -0.156 -0.013 0.433   -1.760  4.226  7 A_DA8:DT13_B A 8 ? B 13 ? 20 1 
1 A DC 9 1_555 B DG 2 1_555 0.156  -0.145 -0.249 15.149  4.456   -0.773 8 A_DC9:DG12_B A 9 ? B 12 ? 19 1 
# 
loop_
_ndb_struct_na_base_pair_step.model_number 
_ndb_struct_na_base_pair_step.i_label_asym_id_1 
_ndb_struct_na_base_pair_step.i_label_comp_id_1 
_ndb_struct_na_base_pair_step.i_label_seq_id_1 
_ndb_struct_na_base_pair_step.i_symmetry_1 
_ndb_struct_na_base_pair_step.j_label_asym_id_1 
_ndb_struct_na_base_pair_step.j_label_comp_id_1 
_ndb_struct_na_base_pair_step.j_label_seq_id_1 
_ndb_struct_na_base_pair_step.j_symmetry_1 
_ndb_struct_na_base_pair_step.i_label_asym_id_2 
_ndb_struct_na_base_pair_step.i_label_comp_id_2 
_ndb_struct_na_base_pair_step.i_label_seq_id_2 
_ndb_struct_na_base_pair_step.i_symmetry_2 
_ndb_struct_na_base_pair_step.j_label_asym_id_2 
_ndb_struct_na_base_pair_step.j_label_comp_id_2 
_ndb_struct_na_base_pair_step.j_label_seq_id_2 
_ndb_struct_na_base_pair_step.j_symmetry_2 
_ndb_struct_na_base_pair_step.shift 
_ndb_struct_na_base_pair_step.slide 
_ndb_struct_na_base_pair_step.rise 
_ndb_struct_na_base_pair_step.tilt 
_ndb_struct_na_base_pair_step.roll 
_ndb_struct_na_base_pair_step.twist 
_ndb_struct_na_base_pair_step.x_displacement 
_ndb_struct_na_base_pair_step.y_displacement 
_ndb_struct_na_base_pair_step.helical_rise 
_ndb_struct_na_base_pair_step.inclination 
_ndb_struct_na_base_pair_step.tip 
_ndb_struct_na_base_pair_step.helical_twist 
_ndb_struct_na_base_pair_step.step_number 
_ndb_struct_na_base_pair_step.step_name 
_ndb_struct_na_base_pair_step.i_auth_asym_id_1 
_ndb_struct_na_base_pair_step.i_auth_seq_id_1 
_ndb_struct_na_base_pair_step.i_PDB_ins_code_1 
_ndb_struct_na_base_pair_step.j_auth_asym_id_1 
_ndb_struct_na_base_pair_step.j_auth_seq_id_1 
_ndb_struct_na_base_pair_step.j_PDB_ins_code_1 
_ndb_struct_na_base_pair_step.i_auth_asym_id_2 
_ndb_struct_na_base_pair_step.i_auth_seq_id_2 
_ndb_struct_na_base_pair_step.i_PDB_ins_code_2 
_ndb_struct_na_base_pair_step.j_auth_asym_id_2 
_ndb_struct_na_base_pair_step.j_auth_seq_id_2 
_ndb_struct_na_base_pair_step.j_PDB_ins_code_2 
1 A DG 2 1_555 B DC 9 1_555 A DT 3 1_555 B DA 8 1_555 -0.690 -0.597 3.020 2.594  5.569  32.243 -1.919 1.623  2.817 9.916  -4.618 
32.808 1 AA_DG2DT3:DA18DC19_BB A 2 ? B 19 ? A 3 ? B 18 ? 
1 A DT 3 1_555 B DA 8 1_555 A DA 4 1_555 B DT 7 1_555 -1.385 0.404  3.383 -5.700 3.565  37.048 0.129  1.354  3.572 5.554  8.881  
37.632 2 AA_DT3DA4:DT17DA18_BB A 3 ? B 18 ? A 4 ? B 17 ? 
1 A DA 4 1_555 B DT 7 1_555 A DT 5 1_555 B DA 6 1_555 0.477  -0.154 3.009 2.521  -0.153 26.967 -0.294 -0.427 3.040 -0.328 -5.391 
27.083 3 AA_DA4DT5:DA16DT17_BB A 4 ? B 17 ? A 5 ? B 16 ? 
1 A DT 5 1_555 B DA 6 1_555 A DA 6 1_555 B DT 5 1_555 -0.052 1.391  3.591 -2.328 -7.144 51.231 2.111  -0.109 3.381 -8.212 2.675  
51.742 4 AA_DT5DA6:DT15DA16_BB A 5 ? B 16 ? A 6 ? B 15 ? 
1 A DA 6 1_555 B DT 5 1_555 A DT 7 1_555 B DA 4 1_555 -0.190 -0.424 3.207 -0.795 -0.064 27.415 -0.878 0.209  3.212 -0.135 1.676  
27.426 5 AA_DA6DT7:DA14DT15_BB A 6 ? B 15 ? A 7 ? B 14 ? 
1 A DT 7 1_555 B DA 4 1_555 A DA 8 1_555 B DT 3 1_555 0.766  1.329  3.322 4.804  1.068  43.876 1.665  -0.555 3.414 1.424  -6.405 
44.138 6 AA_DT7DA8:DT13DA14_BB A 7 ? B 14 ? A 8 ? B 13 ? 
1 A DA 8 1_555 B DT 3 1_555 A DC 9 1_555 B DG 2 1_555 0.322  -0.029 2.989 2.689  6.581  23.747 -1.900 -0.003 2.894 15.551 -6.354 
24.773 7 AA_DA8DC9:DG12DT13_BB A 8 ? B 13 ? A 9 ? B 12 ? 
# 
_atom_sites.entry_id                    473D 
_atom_sites.fract_transf_matrix[1][1]   0.03897231 
_atom_sites.fract_transf_matrix[1][2]   0.00519107 
_atom_sites.fract_transf_matrix[1][3]   -0.00560481 
_atom_sites.fract_transf_matrix[2][1]   0.00135524 
_atom_sites.fract_transf_matrix[2][2]   0.01333507 
_atom_sites.fract_transf_matrix[2][3]   0.02177414 
_atom_sites.fract_transf_matrix[3][1]   0.00345828 
_atom_sites.fract_transf_matrix[3][2]   -0.01576877 
_atom_sites.fract_transf_matrix[3][3]   0.00944198 
_atom_sites.fract_transf_vector[1]      0.258523 
_atom_sites.fract_transf_vector[2]      0.512014 
_atom_sites.fract_transf_vector[3]      0.165866 
# 
loop_
_atom_type.symbol 
C  
N  
NI 
O  
P  
# 
loop_
_atom_site.group_PDB 
_atom_site.id 
_atom_site.type_symbol 
_atom_site.label_atom_id 
_atom_site.label_alt_id 
_atom_site.label_comp_id 
_atom_site.label_asym_id 
_atom_site.label_entity_id 
_atom_site.label_seq_id 
_atom_site.pdbx_PDB_ins_code 
_atom_site.Cartn_x 
_atom_site.Cartn_y 
_atom_site.Cartn_z 
_atom_site.occupancy 
_atom_site.B_iso_or_equiv 
_atom_site.pdbx_formal_charge 
_atom_site.auth_seq_id 
_atom_site.auth_comp_id 
_atom_site.auth_asym_id 
_atom_site.auth_atom_id 
_atom_site.pdbx_PDB_model_num 
ATOM   1   O  "O3'" . DC  A 1 1  ? 9.471   8.547   -10.648 1.00 37.64 ? 1    DC  A "O3'" 1 
ATOM   2   P  P     . DG  A 1 2  ? 7.969   8.697   -9.984  1.00 32.83 ? 2    DG  A P     1 
ATOM   3   O  OP1   . DG  A 1 2  ? 7.524   7.374   -9.661  1.00 42.56 ? 2    DG  A OP1   1 
ATOM   4   O  OP2   . DG  A 1 2  ? 7.263   9.661   -10.777 1.00 30.43 ? 2    DG  A OP2   1 
ATOM   5   O  "O5'" . DG  A 1 2  ? 8.264   9.399   -8.579  1.00 27.54 ? 2    DG  A "O5'" 1 
ATOM   6   C  "C5'" . DG  A 1 2  ? 8.535   10.799  -8.667  1.00 32.74 ? 2    DG  A "C5'" 1 
ATOM   7   C  "C4'" . DG  A 1 2  ? 7.750   11.504  -7.604  1.00 29.19 ? 2    DG  A "C4'" 1 
ATOM   8   O  "O4'" . DG  A 1 2  ? 6.405   11.809  -8.131  1.00 19.51 ? 2    DG  A "O4'" 1 
ATOM   9   C  "C3'" . DG  A 1 2  ? 7.480   10.758  -6.296  1.00 27.62 ? 2    DG  A "C3'" 1 
ATOM   10  O  "O3'" . DG  A 1 2  ? 8.389   11.275  -5.353  1.00 24.39 ? 2    DG  A "O3'" 1 
ATOM   11  C  "C2'" . DG  A 1 2  ? 6.090   11.037  -5.898  1.00 27.40 ? 2    DG  A "C2'" 1 
ATOM   12  C  "C1'" . DG  A 1 2  ? 5.386   11.620  -7.078  1.00 24.61 ? 2    DG  A "C1'" 1 
ATOM   13  N  N9    . DG  A 1 2  ? 4.395   10.808  -7.706  1.00 18.23 ? 2    DG  A N9    1 
ATOM   14  C  C8    . DG  A 1 2  ? 4.383   10.144  -8.910  1.00 21.53 ? 2    DG  A C8    1 
ATOM   15  N  N7    . DG  A 1 2  ? 3.265   9.494   -9.137  1.00 17.99 ? 2    DG  A N7    1 
ATOM   16  C  C5    . DG  A 1 2  ? 2.490   9.749   -8.003  1.00 14.91 ? 2    DG  A C5    1 
ATOM   17  C  C6    . DG  A 1 2  ? 1.186   9.330   -7.650  1.00 14.69 ? 2    DG  A C6    1 
ATOM   18  O  O6    . DG  A 1 2  ? 0.381   8.623   -8.247  1.00 16.78 ? 2    DG  A O6    1 
ATOM   19  N  N1    . DG  A 1 2  ? 0.774   9.817   -6.407  1.00 15.68 ? 2    DG  A N1    1 
ATOM   20  C  C2    . DG  A 1 2  ? 1.554   10.624  -5.603  1.00 16.05 ? 2    DG  A C2    1 
ATOM   21  N  N2    . DG  A 1 2  ? 0.995   10.999  -4.437  1.00 14.57 ? 2    DG  A N2    1 
ATOM   22  N  N3    . DG  A 1 2  ? 2.764   11.017  -5.924  1.00 13.29 ? 2    DG  A N3    1 
ATOM   23  C  C4    . DG  A 1 2  ? 3.175   10.555  -7.120  1.00 15.70 ? 2    DG  A C4    1 
ATOM   24  P  P     . DT  A 1 3  ? 8.709   10.316  -4.048  1.00 25.04 ? 3    DT  A P     1 
ATOM   25  O  OP1   . DT  A 1 3  ? 9.746   10.956  -3.297  1.00 33.53 ? 3    DT  A OP1   1 
ATOM   26  O  OP2   . DT  A 1 3  ? 8.713   8.950   -4.500  1.00 21.06 ? 3    DT  A OP2   1 
ATOM   27  O  "O5'" . DT  A 1 3  ? 7.353   10.448  -3.202  1.00 22.11 ? 3    DT  A "O5'" 1 
ATOM   28  C  "C5'" . DT  A 1 3  ? 7.039   11.699  -2.553  1.00 19.43 ? 3    DT  A "C5'" 1 
ATOM   29  C  "C4'" . DT  A 1 3  ? 5.985   11.367  -1.548  1.00 16.73 ? 3    DT  A "C4'" 1 
ATOM   30  O  "O4'" . DT  A 1 3  ? 4.813   10.811  -2.255  1.00 14.25 ? 3    DT  A "O4'" 1 
ATOM   31  C  "C3'" . DT  A 1 3  ? 6.247   10.288  -0.500  1.00 15.33 ? 3    DT  A "C3'" 1 
ATOM   32  O  "O3'" . DT  A 1 3  ? 5.589   10.757  0.633   1.00 14.56 ? 3    DT  A "O3'" 1 
ATOM   33  C  "C2'" . DT  A 1 3  ? 5.673   9.029   -1.042  1.00 10.78 ? 3    DT  A "C2'" 1 
ATOM   34  C  "C1'" . DT  A 1 3  ? 4.407   9.485   -1.726  1.00 12.33 ? 3    DT  A "C1'" 1 
ATOM   35  N  N1    . DT  A 1 3  ? 3.913   8.782   -2.852  1.00 11.60 ? 3    DT  A N1    1 
ATOM   36  C  C2    . DT  A 1 3  ? 2.578   8.472   -2.886  1.00 9.66  ? 3    DT  A C2    1 
ATOM   37  O  O2    . DT  A 1 3  ? 1.782   8.766   -2.000  1.00 11.64 ? 3    DT  A O2    1 
ATOM   38  N  N3    . DT  A 1 3  ? 2.164   7.794   -3.998  1.00 14.43 ? 3    DT  A N3    1 
ATOM   39  C  C4    . DT  A 1 3  ? 2.965   7.405   -5.066  1.00 11.05 ? 3    DT  A C4    1 
ATOM   40  O  O4    . DT  A 1 3  ? 2.426   6.803   -5.985  1.00 14.49 ? 3    DT  A O4    1 
ATOM   41  C  C5    . DT  A 1 3  ? 4.357   7.763   -4.966  1.00 14.98 ? 3    DT  A C5    1 
ATOM   42  C  C7    . DT  A 1 3  ? 5.304   7.388   -6.073  1.00 20.22 ? 3    DT  A C7    1 
ATOM   43  C  C6    . DT  A 1 3  ? 4.755   8.428   -3.873  1.00 15.93 ? 3    DT  A C6    1 
ATOM   44  P  P     . DA  A 1 4  ? 5.925   10.276  2.150   1.00 15.21 ? 4    DA  A P     1 
ATOM   45  O  OP1   . DA  A 1 4  ? 6.215   11.457  2.931   1.00 13.71 ? 4    DA  A OP1   1 
ATOM   46  O  OP2   . DA  A 1 4  ? 6.820   9.160   2.072   1.00 15.59 ? 4    DA  A OP2   1 
ATOM   47  O  "O5'" . DA  A 1 4  ? 4.499   9.748   2.648   1.00 14.21 ? 4    DA  A "O5'" 1 
ATOM   48  C  "C5'" . DA  A 1 4  ? 3.338   10.542  2.924   1.00 10.82 ? 4    DA  A "C5'" 1 
ATOM   49  C  "C4'" . DA  A 1 4  ? 2.308   9.634   3.517   1.00 9.99  ? 4    DA  A "C4'" 1 
ATOM   50  O  "O4'" . DA  A 1 4  ? 1.724   8.771   2.462   1.00 14.14 ? 4    DA  A "O4'" 1 
ATOM   51  C  "C3'" . DA  A 1 4  ? 2.758   8.621   4.571   1.00 14.69 ? 4    DA  A "C3'" 1 
ATOM   52  O  "O3'" . DA  A 1 4  ? 1.720   8.595   5.509   1.00 13.22 ? 4    DA  A "O3'" 1 
ATOM   53  C  "C2'" . DA  A 1 4  ? 2.955   7.345   3.833   1.00 10.67 ? 4    DA  A "C2'" 1 
ATOM   54  C  "C1'" . DA  A 1 4  ? 1.907   7.344   2.761   1.00 10.44 ? 4    DA  A "C1'" 1 
ATOM   55  N  N9    . DA  A 1 4  ? 2.233   6.756   1.508   1.00 11.95 ? 4    DA  A N9    1 
ATOM   56  C  C8    . DA  A 1 4  ? 3.452   6.777   0.870   1.00 14.27 ? 4    DA  A C8    1 
ATOM   57  N  N7    . DA  A 1 4  ? 3.481   6.149   -0.289  1.00 10.64 ? 4    DA  A N7    1 
ATOM   58  C  C5    . DA  A 1 4  ? 2.174   5.678   -0.422  1.00 11.02 ? 4    DA  A C5    1 
ATOM   59  C  C6    . DA  A 1 4  ? 1.538   4.931   -1.428  1.00 11.60 ? 4    DA  A C6    1 
ATOM   60  N  N6    . DA  A 1 4  ? 2.149   4.509   -2.533  1.00 17.88 ? 4    DA  A N6    1 
ATOM   61  N  N1    . DA  A 1 4  ? 0.243   4.619   -1.272  1.00 9.98  ? 4    DA  A N1    1 
ATOM   62  C  C2    . DA  A 1 4  ? -0.378  5.037   -0.167  1.00 9.81  ? 4    DA  A C2    1 
ATOM   63  N  N3    . DA  A 1 4  ? 0.110   5.745   0.853   1.00 12.06 ? 4    DA  A N3    1 
ATOM   64  C  C4    . DA  A 1 4  ? 1.399   6.042   0.671   1.00 9.56  ? 4    DA  A C4    1 
ATOM   65  P  P     . DT  A 1 5  ? 1.857   7.711   6.882   1.00 12.53 ? 5    DT  A P     1 
ATOM   66  O  OP1   . DT  A 1 5  ? 0.996   8.362   7.839   1.00 14.33 ? 5    DT  A OP1   1 
ATOM   67  O  OP2   . DT  A 1 5  ? 3.222   7.374   7.139   1.00 12.25 ? 5    DT  A OP2   1 
ATOM   68  O  "O5'" . DT  A 1 5  ? 1.141   6.330   6.490   1.00 12.98 ? 5    DT  A "O5'" 1 
ATOM   69  C  "C5'" . DT  A 1 5  ? -0.248  6.315   6.138   1.00 16.99 ? 5    DT  A "C5'" 1 
ATOM   70  C  "C4'" . DT  A 1 5  ? -0.590  4.948   5.640   1.00 13.99 ? 5    DT  A "C4'" 1 
ATOM   71  O  "O4'" . DT  A 1 5  ? 0.077   4.743   4.318   1.00 11.26 ? 5    DT  A "O4'" 1 
ATOM   72  C  "C3'" . DT  A 1 5  ? -0.152  3.710   6.430   1.00 9.23  ? 5    DT  A "C3'" 1 
ATOM   73  O  "O3'" . DT  A 1 5  ? -1.236  2.842   6.382   1.00 13.16 ? 5    DT  A "O3'" 1 
ATOM   74  C  "C2'" . DT  A 1 5  ? 1.034   3.180   5.717   1.00 9.39  ? 5    DT  A "C2'" 1 
ATOM   75  C  "C1'" . DT  A 1 5  ? 0.530   3.324   4.281   1.00 8.03  ? 5    DT  A "C1'" 1 
ATOM   76  N  N1    . DT  A 1 5  ? 1.434   3.164   3.227   1.00 10.05 ? 5    DT  A N1    1 
ATOM   77  C  C2    . DT  A 1 5  ? 0.934   2.645   2.052   1.00 11.70 ? 5    DT  A C2    1 
ATOM   78  O  O2    . DT  A 1 5  ? -0.227  2.324   1.864   1.00 12.29 ? 5    DT  A O2    1 
ATOM   79  N  N3    . DT  A 1 5  ? 1.885   2.521   1.072   1.00 11.76 ? 5    DT  A N3    1 
ATOM   80  C  C4    . DT  A 1 5  ? 3.222   2.832   1.107   1.00 13.02 ? 5    DT  A C4    1 
ATOM   81  O  O4    . DT  A 1 5  ? 3.919   2.645   0.119   1.00 13.01 ? 5    DT  A O4    1 
ATOM   82  C  C5    . DT  A 1 5  ? 3.671   3.366   2.370   1.00 13.21 ? 5    DT  A C5    1 
ATOM   83  C  C7    . DT  A 1 5  ? 5.113   3.740   2.528   1.00 14.22 ? 5    DT  A C7    1 
ATOM   84  C  C6    . DT  A 1 5  ? 2.767   3.501   3.342   1.00 12.78 ? 5    DT  A C6    1 
ATOM   85  P  P     . DA  A 1 6  ? -2.360  2.609   7.550   1.00 16.24 ? 6    DA  A P     1 
ATOM   86  O  OP1   . DA  A 1 6  ? -2.952  3.889   7.842   1.00 17.98 ? 6    DA  A OP1   1 
ATOM   87  O  OP2   . DA  A 1 6  ? -1.774  1.728   8.511   1.00 25.45 ? 6    DA  A OP2   1 
ATOM   88  O  "O5'" . DA  A 1 6  ? -3.489  1.763   6.794   1.00 12.44 ? 6    DA  A "O5'" 1 
ATOM   89  C  "C5'" . DA  A 1 6  ? -4.372  2.378   5.882   1.00 11.40 ? 6    DA  A "C5'" 1 
ATOM   90  C  "C4'" . DA  A 1 6  ? -4.715  1.420   4.776   1.00 16.72 ? 6    DA  A "C4'" 1 
ATOM   91  O  "O4'" . DA  A 1 6  ? -3.552  1.161   3.908   1.00 13.18 ? 6    DA  A "O4'" 1 
ATOM   92  C  "C3'" . DA  A 1 6  ? -5.170  0.010   5.196   1.00 16.70 ? 6    DA  A "C3'" 1 
ATOM   93  O  "O3'" . DA  A 1 6  ? -6.242  -0.294  4.355   1.00 16.35 ? 6    DA  A "O3'" 1 
ATOM   94  C  "C2'" . DA  A 1 6  ? -3.981  -0.857  5.016   1.00 14.39 ? 6    DA  A "C2'" 1 
ATOM   95  C  "C1'" . DA  A 1 6  ? -3.213  -0.293  3.887   1.00 15.79 ? 6    DA  A "C1'" 1 
ATOM   96  N  N9    . DA  A 1 6  ? -1.796  -0.259  3.953   1.00 13.74 ? 6    DA  A N9    1 
ATOM   97  C  C8    . DA  A 1 6  ? -0.994  0.161   4.995   1.00 18.09 ? 6    DA  A C8    1 
ATOM   98  N  N7    . DA  A 1 6  ? 0.293   0.068   4.748   1.00 15.67 ? 6    DA  A N7    1 
ATOM   99  C  C5    . DA  A 1 6  ? 0.339   -0.442  3.457   1.00 14.69 ? 6    DA  A C5    1 
ATOM   100 C  C6    . DA  A 1 6  ? 1.428   -0.763  2.630   1.00 13.35 ? 6    DA  A C6    1 
ATOM   101 N  N6    . DA  A 1 6  ? 2.696   -0.596  3.032   1.00 17.36 ? 6    DA  A N6    1 
ATOM   102 N  N1    . DA  A 1 6  ? 1.162   -1.253  1.399   1.00 18.42 ? 6    DA  A N1    1 
ATOM   103 C  C2    . DA  A 1 6  ? -0.128  -1.387  1.084   1.00 19.73 ? 6    DA  A C2    1 
ATOM   104 N  N3    . DA  A 1 6  ? -1.246  -1.129  1.750   1.00 14.97 ? 6    DA  A N3    1 
ATOM   105 C  C4    . DA  A 1 6  ? -0.937  -0.648  2.957   1.00 13.03 ? 6    DA  A C4    1 
ATOM   106 P  P     . DT  A 1 7  ? -7.256  -1.564  4.741   1.00 18.04 ? 7    DT  A P     1 
ATOM   107 O  OP1   . DT  A 1 7  ? -8.485  -1.278  4.051   1.00 23.67 ? 7    DT  A OP1   1 
ATOM   108 O  OP2   . DT  A 1 7  ? -7.057  -1.831  6.115   1.00 17.66 ? 7    DT  A OP2   1 
ATOM   109 O  "O5'" . DT  A 1 7  ? -6.573  -2.765  3.934   1.00 14.57 ? 7    DT  A "O5'" 1 
ATOM   110 C  "C5'" . DT  A 1 7  ? -6.342  -2.606  2.544   1.00 20.65 ? 7    DT  A "C5'" 1 
ATOM   111 C  "C4'" . DT  A 1 7  ? -5.397  -3.673  2.110   1.00 19.87 ? 7    DT  A "C4'" 1 
ATOM   112 O  "O4'" . DT  A 1 7  ? -4.015  -3.304  2.523   1.00 22.36 ? 7    DT  A "O4'" 1 
ATOM   113 C  "C3'" . DT  A 1 7  ? -5.534  -5.091  2.684   1.00 21.54 ? 7    DT  A "C3'" 1 
ATOM   114 O  "O3'" . DT  A 1 7  ? -6.098  -5.820  1.640   1.00 24.17 ? 7    DT  A "O3'" 1 
ATOM   115 C  "C2'" . DT  A 1 7  ? -4.183  -5.571  3.043   1.00 19.59 ? 7    DT  A "C2'" 1 
ATOM   116 C  "C1'" . DT  A 1 7  ? -3.214  -4.565  2.471   1.00 20.51 ? 7    DT  A "C1'" 1 
ATOM   117 N  N1    . DT  A 1 7  ? -2.010  -4.284  3.156   1.00 14.99 ? 7    DT  A N1    1 
ATOM   118 C  C2    . DT  A 1 7  ? -0.851  -4.442  2.417   1.00 18.41 ? 7    DT  A C2    1 
ATOM   119 O  O2    . DT  A 1 7  ? -0.822  -4.796  1.250   1.00 14.98 ? 7    DT  A O2    1 
ATOM   120 N  N3    . DT  A 1 7  ? 0.286   -4.161  3.121   1.00 12.46 ? 7    DT  A N3    1 
ATOM   121 C  C4    . DT  A 1 7  ? 0.408   -3.759  4.416   1.00 12.53 ? 7    DT  A C4    1 
ATOM   122 O  O4    . DT  A 1 7  ? 1.523   -3.546  4.890   1.00 18.59 ? 7    DT  A O4    1 
ATOM   123 C  C5    . DT  A 1 7  ? -0.839  -3.610  5.132   1.00 14.71 ? 7    DT  A C5    1 
ATOM   124 C  C7    . DT  A 1 7  ? -0.803  -3.175  6.555   1.00 15.00 ? 7    DT  A C7    1 
ATOM   125 C  C6    . DT  A 1 7  ? -1.961  -3.883  4.459   1.00 14.67 ? 7    DT  A C6    1 
ATOM   126 P  P     . DA  A 1 8  ? -6.538  -7.418  1.718   1.00 24.10 ? 8    DA  A P     1 
ATOM   127 O  OP1   . DA  A 1 8  ? -7.500  -7.587  0.654   1.00 34.10 ? 8    DA  A OP1   1 
ATOM   128 O  OP2   . DA  A 1 8  ? -6.690  -7.767  3.067   1.00 21.77 ? 8    DA  A OP2   1 
ATOM   129 O  "O5'" . DA  A 1 8  ? -5.199  -8.111  1.133   1.00 18.30 ? 8    DA  A "O5'" 1 
ATOM   130 C  "C5'" . DA  A 1 8  ? -4.789  -7.780  -0.198  1.00 14.09 ? 8    DA  A "C5'" 1 
ATOM   131 C  "C4'" . DA  A 1 8  ? -3.670  -8.697  -0.567  1.00 14.35 ? 8    DA  A "C4'" 1 
ATOM   132 O  "O4'" . DA  A 1 8  ? -2.467  -8.360  0.219   1.00 19.92 ? 8    DA  A "O4'" 1 
ATOM   133 C  "C3'" . DA  A 1 8  ? -3.867  -10.201 -0.309  1.00 16.65 ? 8    DA  A "C3'" 1 
ATOM   134 O  "O3'" . DA  A 1 8  ? -3.273  -10.877 -1.380  1.00 16.56 ? 8    DA  A "O3'" 1 
ATOM   135 C  "C2'" . DA  A 1 8  ? -3.205  -10.453 0.999   1.00 18.35 ? 8    DA  A "C2'" 1 
ATOM   136 C  "C1'" . DA  A 1 8  ? -2.051  -9.506  1.050   1.00 19.66 ? 8    DA  A "C1'" 1 
ATOM   137 N  N9    . DA  A 1 8  ? -1.737  -8.886  2.290   1.00 18.87 ? 8    DA  A N9    1 
ATOM   138 C  C8    . DA  A 1 8  ? -2.542  -8.604  3.356   1.00 15.03 ? 8    DA  A C8    1 
ATOM   139 N  N7    . DA  A 1 8  ? -1.941  -8.018  4.365   1.00 10.79 ? 8    DA  A N7    1 
ATOM   140 C  C5    . DA  A 1 8  ? -0.637  -7.907  3.916   1.00 10.10 ? 8    DA  A C5    1 
ATOM   141 C  C6    . DA  A 1 8  ? 0.506   -7.361  4.537   1.00 12.41 ? 8    DA  A C6    1 
ATOM   142 N  N6    . DA  A 1 8  ? 0.467   -6.835  5.752   1.00 13.41 ? 8    DA  A N6    1 
ATOM   143 N  N1    . DA  A 1 8  ? 1.650   -7.402  3.827   1.00 11.26 ? 8    DA  A N1    1 
ATOM   144 C  C2    . DA  A 1 8  ? 1.633   -7.938  2.624   1.00 9.27  ? 8    DA  A C2    1 
ATOM   145 N  N3    . DA  A 1 8  ? 0.638   -8.487  1.915   1.00 15.55 ? 8    DA  A N3    1 
ATOM   146 C  C4    . DA  A 1 8  ? -0.487  -8.431  2.648   1.00 16.52 ? 8    DA  A C4    1 
ATOM   147 P  P     . DC  A 1 9  ? -3.595  -12.477 -1.658  1.00 18.42 ? 9    DC  A P     1 
ATOM   148 O  OP1   . DC  A 1 9  ? -3.275  -12.722 -3.022  1.00 18.42 ? 9    DC  A OP1   1 
ATOM   149 O  OP2   . DC  A 1 9  ? -4.848  -12.752 -1.021  1.00 17.44 ? 9    DC  A OP2   1 
ATOM   150 O  "O5'" . DC  A 1 9  ? -2.492  -13.197 -0.751  1.00 13.52 ? 9    DC  A "O5'" 1 
ATOM   151 C  "C5'" . DC  A 1 9  ? -1.118  -13.135 -1.124  1.00 12.18 ? 9    DC  A "C5'" 1 
ATOM   152 C  "C4'" . DC  A 1 9  ? -0.327  -13.699 -0.001  1.00 14.99 ? 9    DC  A "C4'" 1 
ATOM   153 O  "O4'" . DC  A 1 9  ? -0.239  -12.615 1.028   1.00 13.22 ? 9    DC  A "O4'" 1 
ATOM   154 C  "C3'" . DC  A 1 9  ? -0.817  -14.869 0.855   1.00 13.67 ? 9    DC  A "C3'" 1 
ATOM   155 O  "O3'" . DC  A 1 9  ? -0.279  -16.043 0.296   1.00 15.08 ? 9    DC  A "O3'" 1 
ATOM   156 C  "C2'" . DC  A 1 9  ? -0.328  -14.593 2.242   1.00 11.26 ? 9    DC  A "C2'" 1 
ATOM   157 C  "C1'" . DC  A 1 9  ? 0.324   -13.222 2.228   1.00 10.00 ? 9    DC  A "C1'" 1 
ATOM   158 N  N1    . DC  A 1 9  ? 0.044   -12.399 3.353   1.00 12.82 ? 9    DC  A N1    1 
ATOM   159 C  C2    . DC  A 1 9  ? 1.108   -11.644 3.858   1.00 10.62 ? 9    DC  A C2    1 
ATOM   160 O  O2    . DC  A 1 9  ? 2.214   -11.721 3.315   1.00 11.01 ? 9    DC  A O2    1 
ATOM   161 N  N3    . DC  A 1 9  ? 0.925   -10.841 4.930   1.00 13.31 ? 9    DC  A N3    1 
ATOM   162 C  C4    . DC  A 1 9  ? -0.274  -10.774 5.504   1.00 14.72 ? 9    DC  A C4    1 
ATOM   163 N  N4    . DC  A 1 9  ? -0.421  -9.971  6.556   1.00 15.12 ? 9    DC  A N4    1 
ATOM   164 C  C5    . DC  A 1 9  ? -1.377  -11.527 5.015   1.00 11.31 ? 9    DC  A C5    1 
ATOM   165 C  C6    . DC  A 1 9  ? -1.173  -12.318 3.957   1.00 11.65 ? 9    DC  A C6    1 
ATOM   166 P  P     . DG  A 1 10 ? -0.989  -17.521 0.417   1.00 13.20 ? 10   DG  A P     1 
ATOM   167 O  OP1   . DG  A 1 10 ? -1.714  -17.577 1.644   1.00 11.98 ? 10   DG  A OP1   1 
ATOM   168 O  OP2   . DG  A 1 10 ? 0.002   -18.503 0.068   1.00 17.21 ? 10   DG  A OP2   1 
ATOM   169 O  "O5'" . DG  A 1 10 ? -2.084  -17.523 -0.736  1.00 10.83 ? 10   DG  A "O5'" 1 
ATOM   170 C  "C5'" . DG  A 1 10 ? -1.613  -17.725 -2.075  1.00 12.02 ? 10   DG  A "C5'" 1 
ATOM   171 C  "C4'" . DG  A 1 10 ? -2.742  -17.308 -2.950  1.00 11.93 ? 10   DG  A "C4'" 1 
ATOM   172 O  "O4'" . DG  A 1 10 ? -3.846  -18.285 -2.793  1.00 11.89 ? 10   DG  A "O4'" 1 
ATOM   173 C  "C3'" . DG  A 1 10 ? -3.402  -15.953 -2.677  1.00 11.31 ? 10   DG  A "C3'" 1 
ATOM   174 O  "O3'" . DG  A 1 10 ? -3.125  -15.189 -3.829  1.00 19.59 ? 10   DG  A "O3'" 1 
ATOM   175 C  "C2'" . DG  A 1 10 ? -4.847  -16.181 -2.479  1.00 13.56 ? 10   DG  A "C2'" 1 
ATOM   176 C  "C1'" . DG  A 1 10 ? -5.105  -17.575 -3.019  1.00 12.99 ? 10   DG  A "C1'" 1 
ATOM   177 N  N9    . DG  A 1 10 ? -6.157  -18.267 -2.363  1.00 12.99 ? 10   DG  A N9    1 
ATOM   178 C  C8    . DG  A 1 10 ? -6.314  -18.599 -1.038  1.00 15.75 ? 10   DG  A C8    1 
ATOM   179 N  N7    . DG  A 1 10 ? -7.417  -19.240 -0.786  1.00 12.85 ? 10   DG  A N7    1 
ATOM   180 C  C5    . DG  A 1 10 ? -8.038  -19.342 -2.027  1.00 14.25 ? 10   DG  A C5    1 
ATOM   181 C  C6    . DG  A 1 10 ? -9.270  -19.937 -2.392  1.00 11.16 ? 10   DG  A C6    1 
ATOM   182 O  O6    . DG  A 1 10 ? -10.068 -20.508 -1.638  1.00 13.23 ? 10   DG  A O6    1 
ATOM   183 N  N1    . DG  A 1 10 ? -9.539  -19.827 -3.749  1.00 11.05 ? 10   DG  A N1    1 
ATOM   184 C  C2    . DG  A 1 10 ? -8.694  -19.205 -4.639  1.00 10.70 ? 10   DG  A C2    1 
ATOM   185 N  N2    . DG  A 1 10 ? -9.088  -19.176 -5.924  1.00 14.91 ? 10   DG  A N2    1 
ATOM   186 N  N3    . DG  A 1 10 ? -7.545  -18.647 -4.310  1.00 10.58 ? 10   DG  A N3    1 
ATOM   187 C  C4    . DG  A 1 10 ? -7.274  -18.747 -3.006  1.00 10.40 ? 10   DG  A C4    1 
ATOM   188 O  "O3'" . DC  B 1 1  ? 9.123   -7.051  13.292  1.00 25.43 ? 11   DC  B "O3'" 1 
ATOM   189 P  P     . DG  B 1 2  ? 7.913   -7.502  12.276  1.00 28.78 ? 12   DG  B P     1 
ATOM   190 O  OP1   . DG  B 1 2  ? 7.140   -6.326  12.006  1.00 36.55 ? 12   DG  B OP1   1 
ATOM   191 O  OP2   . DG  B 1 2  ? 7.412   -8.762  12.715  1.00 29.96 ? 12   DG  B OP2   1 
ATOM   192 O  "O5'" . DG  B 1 2  ? 8.761   -7.809  10.943  1.00 29.23 ? 12   DG  B "O5'" 1 
ATOM   193 C  "C5'" . DG  B 1 2  ? 9.416   -9.049  10.649  1.00 19.77 ? 12   DG  B "C5'" 1 
ATOM   194 C  "C4'" . DG  B 1 2  ? 9.570   -9.093  9.162   1.00 18.75 ? 12   DG  B "C4'" 1 
ATOM   195 O  "O4'" . DG  B 1 2  ? 8.294   -9.408  8.491   1.00 17.07 ? 12   DG  B "O4'" 1 
ATOM   196 C  "C3'" . DG  B 1 2  ? 9.973   -7.797  8.443   1.00 18.28 ? 12   DG  B "C3'" 1 
ATOM   197 O  "O3'" . DG  B 1 2  ? 10.789  -8.251  7.423   1.00 19.96 ? 12   DG  B "O3'" 1 
ATOM   198 C  "C2'" . DG  B 1 2  ? 8.724   -7.168  7.963   1.00 14.37 ? 12   DG  B "C2'" 1 
ATOM   199 C  "C1'" . DG  B 1 2  ? 7.835   -8.304  7.611   1.00 13.00 ? 12   DG  B "C1'" 1 
ATOM   200 N  N9    . DG  B 1 2  ? 6.459   -8.315  7.968   1.00 13.76 ? 12   DG  B N9    1 
ATOM   201 C  C8    . DG  B 1 2  ? 5.854   -7.866  9.107   1.00 11.92 ? 12   DG  B C8    1 
ATOM   202 N  N7    . DG  B 1 2  ? 4.561   -8.027  9.118   1.00 15.64 ? 12   DG  B N7    1 
ATOM   203 C  C5    . DG  B 1 2  ? 4.289   -8.626  7.899   1.00 15.44 ? 12   DG  B C5    1 
ATOM   204 C  C6    . DG  B 1 2  ? 3.059   -9.045  7.334   1.00 13.46 ? 12   DG  B C6    1 
ATOM   205 O  O6    . DG  B 1 2  ? 1.921   -8.970  7.814   1.00 13.21 ? 12   DG  B O6    1 
ATOM   206 N  N1    . DG  B 1 2  ? 3.258   -9.601  6.078   1.00 9.51  ? 12   DG  B N1    1 
ATOM   207 C  C2    . DG  B 1 2  ? 4.456   -9.747  5.431   1.00 8.96  ? 12   DG  B C2    1 
ATOM   208 N  N2    . DG  B 1 2  ? 4.445   -10.312 4.210   1.00 9.89  ? 12   DG  B N2    1 
ATOM   209 N  N3    . DG  B 1 2  ? 5.610   -9.357  5.951   1.00 9.79  ? 12   DG  B N3    1 
ATOM   210 C  C4    . DG  B 1 2  ? 5.448   -8.812  7.176   1.00 13.12 ? 12   DG  B C4    1 
ATOM   211 P  P     . DT  B 1 3  ? 11.662  -7.302  6.429   1.00 21.40 ? 13   DT  B P     1 
ATOM   212 O  OP1   . DT  B 1 3  ? 12.795  -8.083  6.023   1.00 24.61 ? 13   DT  B OP1   1 
ATOM   213 O  OP2   . DT  B 1 3  ? 11.712  -5.992  7.005   1.00 21.21 ? 13   DT  B OP2   1 
ATOM   214 O  "O5'" . DT  B 1 3  ? 10.697  -7.176  5.163   1.00 17.17 ? 13   DT  B "O5'" 1 
ATOM   215 C  "C5'" . DT  B 1 3  ? 10.422  -8.245  4.274   1.00 15.92 ? 13   DT  B "C5'" 1 
ATOM   216 C  "C4'" . DT  B 1 3  ? 9.451   -7.704  3.274   1.00 21.13 ? 13   DT  B "C4'" 1 
ATOM   217 O  "O4'" . DT  B 1 3  ? 8.118   -7.612  3.917   1.00 17.77 ? 13   DT  B "O4'" 1 
ATOM   218 C  "C3'" . DT  B 1 3  ? 9.654   -6.293  2.705   1.00 16.83 ? 13   DT  B "C3'" 1 
ATOM   219 O  "O3'" . DT  B 1 3  ? 9.509   -6.407  1.336   1.00 18.31 ? 13   DT  B "O3'" 1 
ATOM   220 C  "C2'" . DT  B 1 3  ? 8.588   -5.436  3.290   1.00 16.24 ? 13   DT  B "C2'" 1 
ATOM   221 C  "C1'" . DT  B 1 3  ? 7.426   -6.388  3.362   1.00 17.69 ? 13   DT  B "C1'" 1 
ATOM   222 N  N1    . DT  B 1 3  ? 6.355   -6.203  4.243   1.00 14.94 ? 13   DT  B N1    1 
ATOM   223 C  C2    . DT  B 1 3  ? 5.125   -6.674  3.827   1.00 11.40 ? 13   DT  B C2    1 
ATOM   224 O  O2    . DT  B 1 3  ? 4.946   -7.220  2.757   1.00 11.01 ? 13   DT  B O2    1 
ATOM   225 N  N3    . DT  B 1 3  ? 4.111   -6.467  4.729   1.00 10.91 ? 13   DT  B N3    1 
ATOM   226 C  C4    . DT  B 1 3  ? 4.197   -5.864  5.964   1.00 11.70 ? 13   DT  B C4    1 
ATOM   227 O  O4    . DT  B 1 3  ? 3.190   -5.750  6.667   1.00 15.73 ? 13   DT  B O4    1 
ATOM   228 C  C5    . DT  B 1 3  ? 5.509   -5.399  6.333   1.00 14.30 ? 13   DT  B C5    1 
ATOM   229 C  C7    . DT  B 1 3  ? 5.681   -4.729  7.664   1.00 22.57 ? 13   DT  B C7    1 
ATOM   230 C  C6    . DT  B 1 3  ? 6.504   -5.595  5.460   1.00 13.11 ? 13   DT  B C6    1 
ATOM   231 P  P     . DA  B 1 4  ? 10.600  -6.142  0.146   1.00 20.40 ? 14   DA  B P     1 
ATOM   232 O  OP1   . DA  B 1 4  ? 11.565  -7.200  0.206   1.00 23.59 ? 14   DA  B OP1   1 
ATOM   233 O  OP2   . DA  B 1 4  ? 10.948  -4.740  0.232   1.00 18.87 ? 14   DA  B OP2   1 
ATOM   234 O  "O5'" . DA  B 1 4  ? 9.742   -6.346  -1.177  1.00 15.14 ? 14   DA  B "O5'" 1 
ATOM   235 C  "C5'" . DA  B 1 4  ? 9.221   -7.651  -1.446  1.00 17.46 ? 14   DA  B "C5'" 1 
ATOM   236 C  "C4'" . DA  B 1 4  ? 7.962   -7.460  -2.224  1.00 15.05 ? 14   DA  B "C4'" 1 
ATOM   237 O  "O4'" . DA  B 1 4  ? 6.894   -7.052  -1.300  1.00 17.82 ? 14   DA  B "O4'" 1 
ATOM   238 C  "C3'" . DA  B 1 4  ? 7.971   -6.380  -3.318  1.00 19.80 ? 14   DA  B "C3'" 1 
ATOM   239 O  "O3'" . DA  B 1 4  ? 7.389   -6.976  -4.432  1.00 19.32 ? 14   DA  B "O3'" 1 
ATOM   240 C  "C2'" . DA  B 1 4  ? 7.188   -5.245  -2.770  1.00 22.14 ? 14   DA  B "C2'" 1 
ATOM   241 C  "C1'" . DA  B 1 4  ? 6.251   -5.805  -1.772  1.00 17.85 ? 14   DA  B "C1'" 1 
ATOM   242 N  N9    . DA  B 1 4  ? 6.060   -5.117  -0.542  1.00 14.64 ? 14   DA  B N9    1 
ATOM   243 C  C8    . DA  B 1 4  ? 6.940   -4.452  0.262   1.00 16.90 ? 14   DA  B C8    1 
ATOM   244 N  N7    . DA  B 1 4  ? 6.398   -3.933  1.332   1.00 13.26 ? 14   DA  B N7    1 
ATOM   245 C  C5    . DA  B 1 4  ? 5.063   -4.290  1.220   1.00 12.95 ? 14   DA  B C5    1 
ATOM   246 C  C6    . DA  B 1 4  ? 3.949   -4.039  2.048   1.00 14.10 ? 14   DA  B C6    1 
ATOM   247 N  N6    . DA  B 1 4  ? 4.022   -3.353  3.181   1.00 16.83 ? 14   DA  B N6    1 
ATOM   248 N  N1    . DA  B 1 4  ? 2.760   -4.537  1.640   1.00 11.95 ? 14   DA  B N1    1 
ATOM   249 C  C2    . DA  B 1 4  ? 2.712   -5.223  0.503   1.00 17.18 ? 14   DA  B C2    1 
ATOM   250 N  N3    . DA  B 1 4  ? 3.683   -5.527  -0.368  1.00 14.03 ? 14   DA  B N3    1 
ATOM   251 C  C4    . DA  B 1 4  ? 4.838   -5.015  0.080   1.00 12.01 ? 14   DA  B C4    1 
ATOM   252 P  P     . DT  B 1 5  ? 7.052   -6.182  -5.822  1.00 28.80 ? 15   DT  B P     1 
ATOM   253 O  OP1   . DT  B 1 5  ? 6.501   -7.151  -6.726  1.00 31.29 ? 15   DT  B OP1   1 
ATOM   254 O  OP2   . DT  B 1 5  ? 8.118   -5.276  -6.099  1.00 26.54 ? 15   DT  B OP2   1 
ATOM   255 O  "O5'" . DT  B 1 5  ? 5.824   -5.237  -5.383  1.00 32.26 ? 15   DT  B "O5'" 1 
ATOM   256 C  "C5'" . DT  B 1 5  ? 4.627   -5.994  -5.406  1.00 25.68 ? 15   DT  B "C5'" 1 
ATOM   257 C  "C4'" . DT  B 1 5  ? 3.495   -5.083  -5.072  1.00 26.40 ? 15   DT  B "C4'" 1 
ATOM   258 O  "O4'" . DT  B 1 5  ? 3.705   -4.536  -3.694  1.00 23.77 ? 15   DT  B "O4'" 1 
ATOM   259 C  "C3'" . DT  B 1 5  ? 3.252   -3.805  -5.884  1.00 28.50 ? 15   DT  B "C3'" 1 
ATOM   260 O  "O3'" . DT  B 1 5  ? 1.884   -3.794  -6.070  1.00 39.73 ? 15   DT  B "O3'" 1 
ATOM   261 C  "C2'" . DT  B 1 5  ? 3.714   -2.668  -5.053  1.00 26.62 ? 15   DT  B "C2'" 1 
ATOM   262 C  "C1'" . DT  B 1 5  ? 3.161   -3.150  -3.713  1.00 22.17 ? 15   DT  B "C1'" 1 
ATOM   263 N  N1    . DT  B 1 5  ? 3.575   -2.492  -2.562  1.00 27.42 ? 15   DT  B N1    1 
ATOM   264 C  C2    . DT  B 1 5  ? 2.620   -2.311  -1.576  1.00 21.32 ? 15   DT  B C2    1 
ATOM   265 O  O2    . DT  B 1 5  ? 1.480   -2.715  -1.730  1.00 18.40 ? 15   DT  B O2    1 
ATOM   266 N  N3    . DT  B 1 5  ? 3.084   -1.657  -0.469  1.00 17.57 ? 15   DT  B N3    1 
ATOM   267 C  C4    . DT  B 1 5  ? 4.379   -1.183  -0.264  1.00 12.10 ? 15   DT  B C4    1 
ATOM   268 O  O4    . DT  B 1 5  ? 4.629   -0.624  0.779   1.00 13.72 ? 15   DT  B O4    1 
ATOM   269 C  C5    . DT  B 1 5  ? 5.316   -1.416  -1.342  1.00 18.42 ? 15   DT  B C5    1 
ATOM   270 C  C7    . DT  B 1 5  ? 6.731   -0.948  -1.226  1.00 26.42 ? 15   DT  B C7    1 
ATOM   271 C  C6    . DT  B 1 5  ? 4.872   -2.051  -2.427  1.00 17.04 ? 15   DT  B C6    1 
ATOM   272 P  P     . DA  B 1 6  ? 1.180   -4.013  -7.542  1.00 34.80 ? 16   DA  B P     1 
ATOM   273 O  OP1   . DA  B 1 6  ? 1.354   -5.392  -7.884  1.00 52.75 ? 16   DA  B OP1   1 
ATOM   274 O  OP2   . DA  B 1 6  ? 1.584   -2.881  -8.309  1.00 30.14 ? 16   DA  B OP2   1 
ATOM   275 O  "O5'" . DA  B 1 6  ? -0.369  -3.821  -7.181  1.00 36.25 ? 16   DA  B "O5'" 1 
ATOM   276 C  "C5'" . DA  B 1 6  ? -0.912  -4.532  -6.077  1.00 27.91 ? 16   DA  B "C5'" 1 
ATOM   277 C  "C4'" . DA  B 1 6  ? -2.065  -3.747  -5.519  1.00 20.73 ? 16   DA  B "C4'" 1 
ATOM   278 O  "O4'" . DA  B 1 6  ? -1.550  -2.861  -4.449  1.00 21.13 ? 16   DA  B "O4'" 1 
ATOM   279 C  "C3'" . DA  B 1 6  ? -2.837  -2.793  -6.431  1.00 24.53 ? 16   DA  B "C3'" 1 
ATOM   280 O  "O3'" . DA  B 1 6  ? -4.184  -2.992  -6.110  1.00 30.04 ? 16   DA  B "O3'" 1 
ATOM   281 C  "C2'" . DA  B 1 6  ? -2.385  -1.413  -6.123  1.00 22.34 ? 16   DA  B "C2'" 1 
ATOM   282 C  "C1'" . DA  B 1 6  ? -1.846  -1.432  -4.742  1.00 21.52 ? 16   DA  B "C1'" 1 
ATOM   283 N  N9    . DA  B 1 6  ? -0.579  -0.843  -4.483  1.00 20.33 ? 16   DA  B N9    1 
ATOM   284 C  C8    . DA  B 1 6  ? 0.547   -0.818  -5.268  1.00 15.57 ? 16   DA  B C8    1 
ATOM   285 N  N7    . DA  B 1 6  ? 1.547   -0.176  -4.699  1.00 18.45 ? 16   DA  B N7    1 
ATOM   286 C  C5    . DA  B 1 6  ? 1.052   0.241   -3.476  1.00 14.23 ? 16   DA  B C5    1 
ATOM   287 C  C6    . DA  B 1 6  ? 1.638   0.968   -2.427  1.00 10.10 ? 16   DA  B C6    1 
ATOM   288 N  N6    . DA  B 1 6  ? 2.885   1.418   -2.438  1.00 12.27 ? 16   DA  B N6    1 
ATOM   289 N  N1    . DA  B 1 6  ? 0.860   1.221   -1.336  1.00 9.81  ? 16   DA  B N1    1 
ATOM   290 C  C2    . DA  B 1 6  ? -0.387  0.753   -1.366  1.00 14.96 ? 16   DA  B C2    1 
ATOM   291 N  N3    . DA  B 1 6  ? -1.069  0.058   -2.272  1.00 13.91 ? 16   DA  B N3    1 
ATOM   292 C  C4    . DA  B 1 6  ? -0.262  -0.161  -3.322  1.00 14.86 ? 16   DA  B C4    1 
ATOM   293 P  P     . DT  B 1 7  ? -5.607  -2.377  -6.687  1.00 31.28 ? 17   DT  B P     1 
ATOM   294 O  OP1   . DT  B 1 7  ? -6.614  -3.330  -6.344  1.00 34.06 ? 17   DT  B OP1   1 
ATOM   295 O  OP2   . DT  B 1 7  ? -5.308  -1.816  -7.965  1.00 23.03 ? 17   DT  B OP2   1 
ATOM   296 O  "O5'" . DT  B 1 7  ? -5.846  -1.129  -5.706  1.00 22.08 ? 17   DT  B "O5'" 1 
ATOM   297 C  "C5'" . DT  B 1 7  ? -5.996  -1.293  -4.297  1.00 17.52 ? 17   DT  B "C5'" 1 
ATOM   298 C  "C4'" . DT  B 1 7  ? -5.969  0.083   -3.729  1.00 24.73 ? 17   DT  B "C4'" 1 
ATOM   299 O  "O4'" . DT  B 1 7  ? -4.576  0.546   -3.641  1.00 22.80 ? 17   DT  B "O4'" 1 
ATOM   300 C  "C3'" . DT  B 1 7  ? -6.662  1.204   -4.524  1.00 30.05 ? 17   DT  B "C3'" 1 
ATOM   301 O  "O3'" . DT  B 1 7  ? -7.792  1.488   -3.749  1.00 27.65 ? 17   DT  B "O3'" 1 
ATOM   302 C  "C2'" . DT  B 1 7  ? -5.691  2.323   -4.647  1.00 21.24 ? 17   DT  B "C2'" 1 
ATOM   303 C  "C1'" . DT  B 1 7  ? -4.609  2.048   -3.641  1.00 22.07 ? 17   DT  B "C1'" 1 
ATOM   304 N  N1    . DT  B 1 7  ? -3.274  2.404   -3.894  1.00 17.05 ? 17   DT  B N1    1 
ATOM   305 C  C2    . DT  B 1 7  ? -2.557  3.022   -2.895  1.00 12.53 ? 17   DT  B C2    1 
ATOM   306 O  O2    . DT  B 1 7  ? -3.016  3.284   -1.794  1.00 13.38 ? 17   DT  B O2    1 
ATOM   307 N  N3    . DT  B 1 7  ? -1.271  3.324   -3.254  1.00 12.08 ? 17   DT  B N3    1 
ATOM   308 C  C4    . DT  B 1 7  ? -0.622  3.089   -4.445  1.00 10.59 ? 17   DT  B C4    1 
ATOM   309 O  O4    . DT  B 1 7  ? 0.545   3.408   -4.649  1.00 14.74 ? 17   DT  B O4    1 
ATOM   310 C  C5    . DT  B 1 7  ? -1.439  2.436   -5.450  1.00 12.84 ? 17   DT  B C5    1 
ATOM   311 C  C7    . DT  B 1 7  ? -0.783  2.164   -6.755  1.00 17.70 ? 17   DT  B C7    1 
ATOM   312 C  C6    . DT  B 1 7  ? -2.690  2.138   -5.116  1.00 13.70 ? 17   DT  B C6    1 
ATOM   313 P  P     . DA  B 1 8  ? -9.033  2.506   -4.168  1.00 26.44 ? 18   DA  B P     1 
ATOM   314 O  OP1   . DA  B 1 8  ? -10.157 2.114   -3.383  1.00 32.78 ? 18   DA  B OP1   1 
ATOM   315 O  OP2   . DA  B 1 8  ? -8.954  2.671   -5.571  1.00 31.03 ? 18   DA  B OP2   1 
ATOM   316 O  "O5'" . DA  B 1 8  ? -8.498  3.870   -3.498  1.00 19.68 ? 18   DA  B "O5'" 1 
ATOM   317 C  "C5'" . DA  B 1 8  ? -8.230  4.159   -2.131  1.00 18.89 ? 18   DA  B "C5'" 1 
ATOM   318 C  "C4'" . DA  B 1 8  ? -7.372  5.379   -2.029  1.00 18.64 ? 18   DA  B "C4'" 1 
ATOM   319 O  "O4'" . DA  B 1 8  ? -6.085  5.132   -2.721  1.00 16.57 ? 18   DA  B "O4'" 1 
ATOM   320 C  "C3'" . DA  B 1 8  ? -7.829  6.690   -2.683  1.00 17.61 ? 18   DA  B "C3'" 1 
ATOM   321 O  "O3'" . DA  B 1 8  ? -8.088  7.532   -1.598  1.00 17.99 ? 18   DA  B "O3'" 1 
ATOM   322 C  "C2'" . DA  B 1 8  ? -6.727  7.182   -3.533  1.00 14.36 ? 18   DA  B "C2'" 1 
ATOM   323 C  "C1'" . DA  B 1 8  ? -5.499  6.424   -3.082  1.00 15.24 ? 18   DA  B "C1'" 1 
ATOM   324 N  N9    . DA  B 1 8  ? -4.499  6.187   -4.053  1.00 13.50 ? 18   DA  B N9    1 
ATOM   325 C  C8    . DA  B 1 8  ? -4.628  5.660   -5.321  1.00 11.10 ? 18   DA  B C8    1 
ATOM   326 N  N7    . DA  B 1 8  ? -3.506  5.570   -5.982  1.00 13.59 ? 18   DA  B N7    1 
ATOM   327 C  C5    . DA  B 1 8  ? -2.557  6.066   -5.107  1.00 12.43 ? 18   DA  B C5    1 
ATOM   328 C  C6    . DA  B 1 8  ? -1.169  6.243   -5.207  1.00 12.08 ? 18   DA  B C6    1 
ATOM   329 N  N6    . DA  B 1 8  ? -0.439  5.926   -6.275  1.00 13.01 ? 18   DA  B N6    1 
ATOM   330 N  N1    . DA  B 1 8  ? -0.526  6.770   -4.139  1.00 11.96 ? 18   DA  B N1    1 
ATOM   331 C  C2    . DA  B 1 8  ? -1.248  7.089   -3.066  1.00 13.27 ? 18   DA  B C2    1 
ATOM   332 N  N3    . DA  B 1 8  ? -2.553  6.976   -2.848  1.00 12.00 ? 18   DA  B N3    1 
ATOM   333 C  C4    . DA  B 1 8  ? -3.157  6.451   -3.920  1.00 11.85 ? 18   DA  B C4    1 
ATOM   334 P  P     . DC  B 1 9  ? -8.872  8.953   -1.713  1.00 16.01 ? 19   DC  B P     1 
ATOM   335 O  OP1   . DC  B 1 9  ? -9.445  9.204   -0.412  1.00 15.92 ? 19   DC  B OP1   1 
ATOM   336 O  OP2   . DC  B 1 9  ? -9.582  9.014   -2.952  1.00 13.50 ? 19   DC  B OP2   1 
ATOM   337 O  "O5'" . DC  B 1 9  ? -7.686  10.013  -1.820  1.00 14.28 ? 19   DC  B "O5'" 1 
ATOM   338 C  "C5'" . DC  B 1 9  ? -6.724  10.019  -0.763  1.00 16.46 ? 19   DC  B "C5'" 1 
ATOM   339 C  "C4'" . DC  B 1 9  ? -5.566  10.852  -1.211  1.00 11.52 ? 19   DC  B "C4'" 1 
ATOM   340 O  "O4'" . DC  B 1 9  ? -4.776  10.102  -2.221  1.00 11.57 ? 19   DC  B "O4'" 1 
ATOM   341 C  "C3'" . DC  B 1 9  ? -5.843  12.175  -1.922  1.00 10.49 ? 19   DC  B "C3'" 1 
ATOM   342 O  "O3'" . DC  B 1 9  ? -5.003  13.110  -1.322  1.00 11.97 ? 19   DC  B "O3'" 1 
ATOM   343 C  "C2'" . DC  B 1 9  ? -5.508  11.972  -3.354  1.00 10.26 ? 19   DC  B "C2'" 1 
ATOM   344 C  "C1'" . DC  B 1 9  ? -4.283  11.073  -3.224  1.00 13.12 ? 19   DC  B "C1'" 1 
ATOM   345 N  N1    . DC  B 1 9  ? -3.874  10.383  -4.366  1.00 11.50 ? 19   DC  B N1    1 
ATOM   346 C  C2    . DC  B 1 9  ? -2.520  10.286  -4.635  1.00 11.83 ? 19   DC  B C2    1 
ATOM   347 O  O2    . DC  B 1 9  ? -1.696  10.803  -3.866  1.00 14.86 ? 19   DC  B O2    1 
ATOM   348 N  N3    . DC  B 1 9  ? -2.075  9.622   -5.737  1.00 10.91 ? 19   DC  B N3    1 
ATOM   349 C  C4    . DC  B 1 9  ? -2.979  9.069   -6.549  1.00 7.99  ? 19   DC  B C4    1 
ATOM   350 N  N4    . DC  B 1 9  ? -2.527  8.423   -7.630  1.00 15.71 ? 19   DC  B N4    1 
ATOM   351 C  C5    . DC  B 1 9  ? -4.357  9.161   -6.289  1.00 8.79  ? 19   DC  B C5    1 
ATOM   352 C  C6    . DC  B 1 9  ? -4.787  9.810   -5.215  1.00 13.94 ? 19   DC  B C6    1 
ATOM   353 P  P     . DG  B 1 10 ? -5.546  14.604  -0.927  1.00 17.06 ? 20   DG  B P     1 
ATOM   354 O  OP1   . DG  B 1 10 ? -4.432  15.283  -0.293  1.00 19.03 ? 20   DG  B OP1   1 
ATOM   355 O  OP2   . DG  B 1 10 ? -6.845  14.474  -0.330  1.00 15.52 ? 20   DG  B OP2   1 
ATOM   356 O  "O5'" . DG  B 1 10 ? -5.759  15.328  -2.325  1.00 15.05 ? 20   DG  B "O5'" 1 
ATOM   357 C  "C5'" . DG  B 1 10 ? -4.631  15.594  -3.152  1.00 16.34 ? 20   DG  B "C5'" 1 
ATOM   358 C  "C4'" . DG  B 1 10 ? -5.122  16.209  -4.417  1.00 16.54 ? 20   DG  B "C4'" 1 
ATOM   359 O  "O4'" . DG  B 1 10 ? -5.988  15.252  -5.144  1.00 12.17 ? 20   DG  B "O4'" 1 
ATOM   360 C  "C3'" . DG  B 1 10 ? -6.002  17.465  -4.311  1.00 17.57 ? 20   DG  B "C3'" 1 
ATOM   361 O  "O3'" . DG  B 1 10 ? -5.130  18.528  -4.465  1.00 22.91 ? 20   DG  B "O3'" 1 
ATOM   362 C  "C2'" . DG  B 1 10 ? -6.992  17.341  -5.411  1.00 12.70 ? 20   DG  B "C2'" 1 
ATOM   363 C  "C1'" . DG  B 1 10 ? -7.296  15.881  -5.433  1.00 13.26 ? 20   DG  B "C1'" 1 
ATOM   364 N  N9    . DG  B 1 10 ? -8.134  15.332  -4.428  1.00 14.38 ? 20   DG  B N9    1 
ATOM   365 C  C8    . DG  B 1 10 ? -8.730  15.903  -3.330  1.00 15.55 ? 20   DG  B C8    1 
ATOM   366 N  N7    . DG  B 1 10 ? -9.445  15.069  -2.616  1.00 10.21 ? 20   DG  B N7    1 
ATOM   367 C  C5    . DG  B 1 10 ? -9.304  13.866  -3.300  1.00 13.60 ? 20   DG  B C5    1 
ATOM   368 C  C6    . DG  B 1 10 ? -9.853  12.588  -3.003  1.00 15.41 ? 20   DG  B C6    1 
ATOM   369 O  O6    . DG  B 1 10 ? -10.587 12.295  -2.048  1.00 15.88 ? 20   DG  B O6    1 
ATOM   370 N  N1    . DG  B 1 10 ? -9.481  11.624  -3.930  1.00 13.13 ? 20   DG  B N1    1 
ATOM   371 C  C2    . DG  B 1 10 ? -8.669  11.880  -5.013  1.00 11.43 ? 20   DG  B C2    1 
ATOM   372 N  N2    . DG  B 1 10 ? -8.408  10.846  -5.803  1.00 12.16 ? 20   DG  B N2    1 
ATOM   373 N  N3    . DG  B 1 10 ? -8.151  13.058  -5.304  1.00 12.26 ? 20   DG  B N3    1 
ATOM   374 C  C4    . DG  B 1 10 ? -8.505  14.005  -4.410  1.00 12.04 ? 20   DG  B C4    1 
HETATM 375 NI NI    . NI  C 2 .  ? -7.757  -20.014 1.104   1.00 17.76 ? 350  NI  A NI    1 
HETATM 376 NI NI    . NI  D 2 .  ? 3.133   7.939   -10.605 1.00 26.90 ? 352  NI  A NI    1 
HETATM 377 C  C1    . NT  E 3 .  ? -0.885  -5.446  -2.430  1.00 21.01 ? 21   NT  B C1    1 
HETATM 378 N  N1    . NT  E 3 .  ? 0.373   -4.938  -2.261  1.00 25.32 ? 21   NT  B N1    1 
HETATM 379 N  N2    . NT  E 3 .  ? -1.082  -6.667  -3.029  1.00 37.80 ? 21   NT  B N2    1 
HETATM 380 N  N3    . NT  E 3 .  ? -1.999  -4.777  -2.022  1.00 27.94 ? 21   NT  B N3    1 
HETATM 381 C  C2    . NT  E 3 .  ? -1.907  -3.450  -1.518  1.00 22.34 ? 21   NT  B C2    1 
HETATM 382 C  C3    . NT  E 3 .  ? -3.289  -2.852  -1.238  1.00 27.21 ? 21   NT  B C3    1 
HETATM 383 O  O1    . NT  E 3 .  ? -4.373  -3.450  -1.288  1.00 30.71 ? 21   NT  B O1    1 
HETATM 384 N  N4    . NT  E 3 .  ? -3.220  -1.497  -0.913  1.00 20.81 ? 21   NT  B N4    1 
HETATM 385 C  C4    . NT  E 3 .  ? -4.345  -0.727  -0.589  1.00 25.49 ? 21   NT  B C4    1 
HETATM 386 C  C5    . NT  E 3 .  ? -4.217  0.570   -0.038  1.00 23.82 ? 21   NT  B C5    1 
HETATM 387 C  C6    . NT  E 3 .  ? -5.521  1.027   0.242   1.00 17.56 ? 21   NT  B C6    1 
HETATM 388 N  N5    . NT  E 3 .  ? -6.441  0.040   -0.083  1.00 17.57 ? 21   NT  B N5    1 
HETATM 389 C  C8    . NT  E 3 .  ? -7.883  0.198   0.013   1.00 27.02 ? 21   NT  B C8    1 
HETATM 390 C  C7    . NT  E 3 .  ? -5.738  -1.015  -0.627  1.00 19.57 ? 21   NT  B C7    1 
HETATM 391 C  C9    . NT  E 3 .  ? -5.855  2.344   0.564   1.00 18.10 ? 21   NT  B C9    1 
HETATM 392 O  O2    . NT  E 3 .  ? -6.846  2.659   1.176   1.00 18.70 ? 21   NT  B O2    1 
HETATM 393 N  N6    . NT  E 3 .  ? -4.936  3.339   0.110   1.00 15.35 ? 21   NT  B N6    1 
HETATM 394 C  C10   . NT  E 3 .  ? -5.122  4.693   0.362   1.00 15.61 ? 21   NT  B C10   1 
HETATM 395 C  C11   . NT  E 3 .  ? -4.218  5.690   -0.024  1.00 13.77 ? 21   NT  B C11   1 
HETATM 396 C  C12   . NT  E 3 .  ? -4.636  6.878   0.629   1.00 12.57 ? 21   NT  B C12   1 
HETATM 397 N  N7    . NT  E 3 .  ? -5.697  6.634   1.424   1.00 12.28 ? 21   NT  B N7    1 
HETATM 398 C  C14   . NT  E 3 .  ? -6.439  7.616   2.155   1.00 14.83 ? 21   NT  B C14   1 
HETATM 399 C  C13   . NT  E 3 .  ? -6.047  5.336   1.199   1.00 14.20 ? 21   NT  B C13   1 
HETATM 400 C  C15   . NT  E 3 .  ? -3.958  8.122   0.658   1.00 11.50 ? 21   NT  B C15   1 
HETATM 401 O  O3    . NT  E 3 .  ? -4.116  9.050   1.456   1.00 12.45 ? 21   NT  B O3    1 
HETATM 402 N  N8    . NT  E 3 .  ? -2.988  8.261   -0.335  1.00 14.88 ? 21   NT  B N8    1 
HETATM 403 C  C16   . NT  E 3 .  ? -2.131  9.446   -0.444  1.00 9.70  ? 21   NT  B C16   1 
HETATM 404 C  C17   . NT  E 3 .  ? -0.807  9.343   0.400   1.00 10.20 ? 21   NT  B C17   1 
HETATM 405 C  C18   . NT  E 3 .  ? -0.085  10.697  0.456   1.00 12.14 ? 21   NT  B C18   1 
HETATM 406 N  N9    . NT  E 3 .  ? -0.466  11.559  1.418   1.00 12.61 ? 21   NT  B N9    1 
HETATM 407 N  N10   . NT  E 3 .  ? 0.864   10.920  -0.480  1.00 13.70 ? 21   NT  B N10   1 
HETATM 408 NI NI    . NI  F 2 .  ? 3.392   -7.151  10.630  1.00 18.60 ? 351  NI  B NI    1 
HETATM 409 NI NI    . NI  G 2 .  ? -10.569 15.765  -1.012  1.00 13.41 ? 353  NI  B NI    1 
HETATM 410 O  O     . HOH H 4 .  ? -8.142  -20.726 3.083   1.00 18.63 ? 1000 HOH A O     1 
HETATM 411 O  O     . HOH H 4 .  ? -8.159  -22.062 0.522   1.00 13.52 ? 1001 HOH A O     1 
HETATM 412 O  O     . HOH H 4 .  ? -5.682  -20.402 1.400   1.00 20.44 ? 1002 HOH A O     1 
HETATM 413 O  O     . HOH H 4 .  ? -7.461  -18.162 1.836   1.00 18.20 ? 1003 HOH A O     1 
HETATM 414 O  O     . HOH H 4 .  ? -9.704  -19.723 0.895   1.00 16.73 ? 1004 HOH A O     1 
HETATM 415 O  O     . HOH H 4 .  ? 4.938   6.678   -9.850  1.00 23.21 ? 1010 HOH A O     1 
HETATM 416 O  O     . HOH H 4 .  ? 2.229   6.456   -9.235  1.00 28.43 ? 1011 HOH A O     1 
HETATM 417 O  O     . HOH H 4 .  ? 4.670   8.983   -11.731 1.00 25.25 ? 1012 HOH A O     1 
HETATM 418 O  O     . HOH H 4 .  ? 2.791   6.318   -12.146 0.80 41.93 ? 1013 HOH A O     1 
HETATM 419 O  O     . HOH H 4 .  ? 1.862   9.217   -11.304 1.00 20.14 ? 1014 HOH A O     1 
HETATM 420 O  O     . HOH H 4 .  ? -4.573  -17.349 1.557   1.00 19.27 ? 1022 HOH A O     1 
HETATM 421 O  O     . HOH H 4 .  ? 4.287   4.975   6.168   1.00 14.56 ? 1023 HOH A O     1 
HETATM 422 O  O     . HOH H 4 .  ? 6.213   6.387   5.021   1.00 21.08 ? 1024 HOH A O     1 
HETATM 423 O  O     . HOH H 4 .  ? 5.632   11.630  5.636   1.00 15.89 ? 1025 HOH A O     1 
HETATM 424 O  O     . HOH H 4 .  ? 2.784   12.469  -2.786  1.00 15.13 ? 1026 HOH A O     1 
HETATM 425 O  O     A HOH H 4 .  ? 2.823   -2.451  6.920   0.40 10.65 ? 1029 HOH A O     1 
HETATM 426 O  O     B HOH H 4 .  ? 1.940   -0.518  7.272   0.60 16.68 ? 1030 HOH A O     1 
HETATM 427 O  O     . HOH H 4 .  ? 3.575   14.211  -5.167  1.00 25.35 ? 1031 HOH A O     1 
HETATM 428 O  O     . HOH H 4 .  ? 5.296   5.496   -2.230  1.00 27.25 ? 1032 HOH A O     1 
HETATM 429 O  O     . HOH H 4 .  ? 7.830   6.587   -2.950  1.00 28.19 ? 1033 HOH A O     1 
HETATM 430 O  O     . HOH H 4 .  ? -5.493  -14.759 0.485   1.00 31.17 ? 1034 HOH A O     1 
HETATM 431 O  O     . HOH H 4 .  ? -3.419  -20.296 -0.379  1.00 26.87 ? 1035 HOH A O     1 
HETATM 432 O  O     . HOH H 4 .  ? 6.442   3.259   -0.762  1.00 28.10 ? 1037 HOH A O     1 
HETATM 433 O  O     . HOH H 4 .  ? 0.641   11.127  6.845   1.00 31.05 ? 1038 HOH A O     1 
HETATM 434 O  O     . HOH H 4 .  ? -8.510  -11.143 -0.924  1.00 27.21 ? 1041 HOH A O     1 
HETATM 435 O  O     . HOH H 4 .  ? -7.873  0.005   7.729   1.00 44.09 ? 1043 HOH A O     1 
HETATM 436 O  O     . HOH H 4 .  ? -2.904  -9.467  7.920   1.00 27.61 ? 1050 HOH A O     1 
HETATM 437 O  O     . HOH H 4 .  ? 12.254  8.252   -11.604 1.00 25.57 ? 1051 HOH A O     1 
HETATM 438 O  O     . HOH H 4 .  ? -4.913  -3.419  7.150   1.00 42.75 ? 1052 HOH A O     1 
HETATM 439 O  O     . HOH H 4 .  ? 4.840   2.581   6.999   1.00 32.57 ? 1054 HOH A O     1 
HETATM 440 O  O     . HOH H 4 .  ? 4.114   0.732   5.270   1.00 29.27 ? 1055 HOH A O     1 
HETATM 441 O  O     . HOH H 4 .  ? -2.309  -7.178  7.539   1.00 33.76 ? 1060 HOH A O     1 
HETATM 442 O  O     . HOH H 4 .  ? -8.318  -16.734 3.865   1.00 49.19 ? 1061 HOH A O     1 
HETATM 443 O  O     . HOH H 4 .  ? 12.984  10.410  -0.610  1.00 32.72 ? 1063 HOH A O     1 
HETATM 444 O  O     . HOH H 4 .  ? 12.575  8.774   -8.850  1.00 47.50 ? 1064 HOH A O     1 
HETATM 445 O  O     . HOH H 4 .  ? -0.553  -6.185  9.320   1.00 32.52 ? 1065 HOH A O     1 
HETATM 446 O  O     . HOH H 4 .  ? -6.201  -7.308  5.650   1.00 42.74 ? 1069 HOH A O     1 
HETATM 447 O  O     . HOH H 4 .  ? 8.921   6.708   -0.871  1.00 46.03 ? 1070 HOH A O     1 
HETATM 448 O  O     . HOH H 4 .  ? 10.617  12.092  -1.225  1.00 66.63 ? 1075 HOH A O     1 
HETATM 449 O  O     . HOH H 4 .  ? -2.936  6.595   8.203   1.00 30.30 ? 1077 HOH A O     1 
HETATM 450 O  O     . HOH H 4 .  ? 6.688   6.777   2.225   1.00 28.58 ? 1078 HOH A O     1 
HETATM 451 O  O     . HOH I 4 .  ? 2.185   -6.266  12.021  1.00 18.66 ? 1005 HOH B O     1 
HETATM 452 O  O     . HOH I 4 .  ? 4.248   -8.463  11.889  1.00 16.97 ? 1006 HOH B O     1 
HETATM 453 O  O     . HOH I 4 .  ? 2.512   -6.062  9.274   1.00 16.93 ? 1007 HOH B O     1 
HETATM 454 O  O     . HOH I 4 .  ? 1.951   -8.499  10.252  1.00 16.49 ? 1008 HOH B O     1 
HETATM 455 O  O     . HOH I 4 .  ? 4.728   -5.550  10.823  1.00 21.74 ? 1009 HOH B O     1 
HETATM 456 O  O     . HOH I 4 .  ? -10.522 14.025  -0.071  1.00 12.18 ? 1015 HOH B O     1 
HETATM 457 O  O     . HOH I 4 .  ? -12.367 15.174  -1.810  1.00 13.89 ? 1016 HOH B O     1 
HETATM 458 O  O     . HOH I 4 .  ? -10.724 17.663  -1.868  1.00 12.25 ? 1017 HOH B O     1 
HETATM 459 O  O     . HOH I 4 .  ? -8.907  16.389  -0.153  1.00 16.91 ? 1018 HOH B O     1 
HETATM 460 O  O     . HOH I 4 .  ? -3.511  18.866  -6.238  1.00 23.94 ? 1019 HOH B O     1 
HETATM 461 O  O     . HOH I 4 .  ? -9.731  8.216   -5.533  1.00 19.70 ? 1020 HOH B O     1 
HETATM 462 O  O     . HOH I 4 .  ? 11.228  -9.853  0.825   1.00 17.94 ? 1021 HOH B O     1 
HETATM 463 O  O     . HOH I 4 .  ? -5.531  16.900  1.928   1.00 26.08 ? 1027 HOH B O     1 
HETATM 464 O  O     . HOH I 4 .  ? -4.294  13.397  2.359   1.00 25.28 ? 1028 HOH B O     1 
HETATM 465 O  O     . HOH I 4 .  ? 9.352   -3.941  6.696   1.00 35.56 ? 1036 HOH B O     1 
HETATM 466 O  O     . HOH I 4 .  ? 2.350   -6.749  -2.385  1.00 27.94 ? 1039 HOH B O     1 
HETATM 467 O  O     . HOH I 4 .  ? 3.263   -5.116  14.087  1.00 37.09 ? 1040 HOH B O     1 
HETATM 468 O  O     . HOH I 4 .  ? 4.813   -10.896 10.728  1.00 19.58 ? 1042 HOH B O     1 
HETATM 469 O  O     . HOH I 4 .  ? 4.114   -3.018  10.687  1.00 39.40 ? 1044 HOH B O     1 
HETATM 470 O  O     . HOH I 4 .  ? -8.356  19.315  -1.935  1.00 25.64 ? 1045 HOH B O     1 
HETATM 471 O  O     . HOH I 4 .  ? -9.961  5.219   2.888   1.00 36.65 ? 1046 HOH B O     1 
HETATM 472 O  O     . HOH I 4 .  ? -2.445  15.063  1.345   1.00 34.61 ? 1047 HOH B O     1 
HETATM 473 O  O     . HOH I 4 .  ? 0.614   -8.048  -4.732  1.00 33.39 ? 1048 HOH B O     1 
HETATM 474 O  O     . HOH I 4 .  ? -8.160  2.776   3.352   1.00 38.31 ? 1049 HOH B O     1 
HETATM 475 O  O     . HOH I 4 .  ? 7.755   -1.789  2.992   1.00 36.19 ? 1053 HOH B O     1 
HETATM 476 O  O     . HOH I 4 .  ? 1.179   -10.308 12.380  1.00 30.90 ? 1056 HOH B O     1 
HETATM 477 O  O     . HOH I 4 .  ? 4.254   0.866   -5.303  1.00 40.45 ? 1057 HOH B O     1 
HETATM 478 O  O     . HOH I 4 .  ? -8.974  10.551  1.771   1.00 28.60 ? 1058 HOH B O     1 
HETATM 479 O  O     . HOH I 4 .  ? -3.767  -6.552  -3.398  1.00 31.23 ? 1059 HOH B O     1 
HETATM 480 O  O     . HOH I 4 .  ? -0.508  5.138   -9.160  1.00 30.15 ? 1062 HOH B O     1 
HETATM 481 O  O     . HOH I 4 .  ? 13.005  -10.911 2.734   1.00 39.52 ? 1066 HOH B O     1 
HETATM 482 O  O     . HOH I 4 .  ? 12.820  -10.963 5.791   1.00 35.89 ? 1067 HOH B O     1 
HETATM 483 O  O     . HOH I 4 .  ? 5.733   -0.472  -6.966  1.00 42.08 ? 1068 HOH B O     1 
HETATM 484 O  O     . HOH I 4 .  ? 11.460  -4.375  16.327  1.00 55.38 ? 1071 HOH B O     1 
HETATM 485 O  O     . HOH I 4 .  ? -3.749  1.352   -8.413  1.00 64.31 ? 1072 HOH B O     1 
HETATM 486 O  O     . HOH I 4 .  ? 2.858   -9.141  14.193  1.00 50.17 ? 1073 HOH B O     1 
HETATM 487 O  O     . HOH I 4 .  ? -13.216 18.952  -1.574  1.00 48.09 ? 1074 HOH B O     1 
HETATM 488 O  O     . HOH I 4 .  ? 11.427  -6.083  12.411  1.00 48.98 ? 1076 HOH B O     1 
HETATM 489 O  O     . HOH I 4 .  ? -12.853 3.347   -1.809  1.00 23.60 ? 1079 HOH B O     1 
HETATM 490 O  O     . HOH I 4 .  ? 6.801   0.465   2.088   1.00 25.55 ? 1080 HOH B O     1 
HETATM 491 O  O     . HOH I 4 .  ? 2.669   3.809   -6.531  1.00 28.17 ? 1081 HOH B O     1 
# 
loop_
_atom_site_anisotrop.id 
_atom_site_anisotrop.type_symbol 
_atom_site_anisotrop.pdbx_label_atom_id 
_atom_site_anisotrop.pdbx_label_alt_id 
_atom_site_anisotrop.pdbx_label_comp_id 
_atom_site_anisotrop.pdbx_label_asym_id 
_atom_site_anisotrop.pdbx_label_seq_id 
_atom_site_anisotrop.pdbx_PDB_ins_code 
_atom_site_anisotrop.U[1][1] 
_atom_site_anisotrop.U[2][2] 
_atom_site_anisotrop.U[3][3] 
_atom_site_anisotrop.U[1][2] 
_atom_site_anisotrop.U[1][3] 
_atom_site_anisotrop.U[2][3] 
_atom_site_anisotrop.pdbx_auth_seq_id 
_atom_site_anisotrop.pdbx_auth_comp_id 
_atom_site_anisotrop.pdbx_auth_asym_id 
_atom_site_anisotrop.pdbx_auth_atom_id 
375 NI NI . NI C . ? 0.2349 0.2720 0.1680 -0.0418 -0.0263 0.0226  350 NI A NI 
376 NI NI . NI D . ? 0.4132 0.3526 0.2561 0.1004  -0.0088 -0.1080 352 NI A NI 
408 NI NI . NI F . ? 0.2727 0.2487 0.1854 0.0150  0.0139  -0.0526 351 NI B NI 
409 NI NI . NI G . ? 0.1453 0.1940 0.1703 0.0186  0.0032  0.0066  353 NI B NI 
# 
